data_1L5H
#
_entry.id   1L5H
#
_cell.length_a   150.452
_cell.length_b   191.922
_cell.length_c   102.339
_cell.angle_alpha   90.00
_cell.angle_beta   90.00
_cell.angle_gamma   90.00
#
_symmetry.space_group_name_H-M   'C 2 2 21'
#
loop_
_entity.id
_entity.type
_entity.pdbx_description
1 polymer 'nitrogenase molybdenum-iron protein alpha chain'
2 polymer 'nitrogenase molybdenum-iron protein beta chain'
3 non-polymer 'CALCIUM ION'
4 non-polymer 'FE(8)-S(7) CLUSTER'
5 water water
#
loop_
_entity_poly.entity_id
_entity_poly.type
_entity_poly.pdbx_seq_one_letter_code
_entity_poly.pdbx_strand_id
1 'polypeptide(L)'
;TGMSREEVESLIQEVLEVYPEKARKDRNKHLAVNDPAVTQSKKCIISNKKSQPGLMTIRGCAYAGSKGVVWGPIKDMIHI
SHGPVGCGQYSRAGRRNYYIGTTGVNAFVTMNFTSDFQEKDIVFGGDKKLAKLIDEVETLFPLNKGISVQSECPIGLIGD
DIESVSKVKGAELSKTIVPVRCEGFRGVSQSLGHHIANDAVRDWVLGKRDEDTTFASTPYDVAIIGDYNIGGDAWSSRIL
LEEMGLRCVAQWSGDGSISEIELTPKVKLNLVHCYRSMNYISRHMEEKYGIPWMEYNFFGPTKTIESLRAIAAKFDESIQ
KKCEEVIAKYKPEWEAVVAKYRPRLEGKRVMLYIGGLRPRHVIGAYEDLGMEVVGTGYEFAHNDDYDRTMKEMGDSTLLY
DDVTGYEFEEFVKRIKPDLIGSGIKEKFIFQKMGIPFREMHSWDYSGPYHGFDGFAIFARDMDMTLNNPCWKKLQAPWEA
SEGAEKVAASA
;
A
2 'polypeptide(L)'
;SQQVDKIKASYPLFLDQDYKDMLAKKRDGFEEKYPQDKIDEVFQWTTTKEYQELNFQREALTVNPAKACQPLGAVLCALG
FEKTMPYVHGSQGCVAYFRSYFNRHFREPVSCVSDSMTEDAAVFGGQQNMKDGLQNCKATYKPDMIAVSTTCMAEVIGDD
LNAFINNSKKEGFIPDEFPVPFAHTPSFVGSHVTGWDNMFEGIARYFTLKSMDDKVVGSNKKINIVPGFETYLGNFRVIK
RMLSEMGVGYSLLSDPEEVLDTPADGQFRMYAGGTTQEEMKDAPNALNTVLLQPWHLEKTKKFVEGTWKHEVPKLNIPMG
LDWTDEFLMKVSEISGQPIPASLTKERGRLVDMMTDSHTWLHGKRFALWGDPDFVMGLVKFLLELGCEPVHILCHNGNKR
WKKAVDAILAASPYGKNATVYIGKDLWHLRSLVFTDKPDFMIGNSYGKFIQRDTLHKGKEFEVPLIRIGFPIFDRHHLHR
STTLGYEGAMQILTTLVNSILERLDEETRGMQATDYNHDLVR
;
B
#
loop_
_chem_comp.id
_chem_comp.type
_chem_comp.name
_chem_comp.formula
CA non-polymer 'CALCIUM ION' 'Ca 2'
CLF non-polymer 'FE(8)-S(7) CLUSTER' 'Fe8 S7'
#
# COMPACT_ATOMS: atom_id res chain seq x y z
N ASN A 48 -1.36 -18.15 23.34
CA ASN A 48 -0.08 -18.93 23.30
C ASN A 48 0.53 -18.85 21.91
N LYS A 49 -0.25 -19.29 20.91
CA LYS A 49 0.14 -19.32 19.50
C LYS A 49 1.66 -19.34 19.27
N LYS A 50 2.20 -20.53 19.02
CA LYS A 50 3.62 -20.68 18.76
C LYS A 50 4.00 -20.26 17.33
N SER A 51 3.68 -19.02 16.96
CA SER A 51 4.00 -18.50 15.63
C SER A 51 5.50 -18.16 15.59
N GLN A 52 6.29 -19.14 15.19
CA GLN A 52 7.75 -19.03 15.16
C GLN A 52 8.39 -18.20 14.06
N PRO A 53 9.58 -17.62 14.36
CA PRO A 53 10.37 -16.78 13.46
C PRO A 53 10.92 -17.58 12.28
N GLY A 54 11.14 -16.91 11.16
CA GLY A 54 11.66 -17.59 9.99
C GLY A 54 10.56 -18.21 9.15
N LEU A 55 9.32 -17.89 9.50
CA LEU A 55 8.16 -18.42 8.77
C LEU A 55 7.33 -17.30 8.17
N MET A 56 6.65 -17.62 7.06
CA MET A 56 5.80 -16.67 6.35
C MET A 56 4.43 -16.51 7.00
N THR A 57 3.98 -15.27 7.10
CA THR A 57 2.69 -14.93 7.69
C THR A 57 2.38 -13.48 7.40
N ILE A 58 1.17 -13.21 6.93
CA ILE A 58 0.79 -11.83 6.64
C ILE A 58 0.18 -11.23 7.89
N ARG A 59 0.72 -11.64 9.03
CA ARG A 59 0.29 -11.18 10.36
C ARG A 59 0.75 -9.73 10.59
N GLY A 60 -0.17 -8.86 11.02
CA GLY A 60 0.17 -7.48 11.25
C GLY A 60 0.68 -7.16 12.65
N CYS A 61 1.10 -5.92 12.87
CA CYS A 61 1.63 -5.50 14.14
C CYS A 61 0.64 -4.64 14.92
N ALA A 62 1.04 -4.21 16.11
CA ALA A 62 0.19 -3.40 16.94
C ALA A 62 -0.20 -2.10 16.25
N TYR A 63 0.70 -1.60 15.41
CA TYR A 63 0.47 -0.35 14.68
C TYR A 63 -0.62 -0.54 13.62
N ALA A 64 -0.58 -1.68 12.94
CA ALA A 64 -1.54 -1.99 11.92
C ALA A 64 -2.94 -2.08 12.57
N GLY A 65 -2.99 -2.61 13.79
CA GLY A 65 -4.25 -2.76 14.47
C GLY A 65 -4.75 -1.46 15.06
N SER A 66 -3.84 -0.58 15.51
CA SER A 66 -4.25 0.66 16.10
C SER A 66 -4.53 1.75 15.06
N LYS A 67 -3.56 1.99 14.18
CA LYS A 67 -3.71 3.02 13.15
C LYS A 67 -4.58 2.48 12.01
N GLY A 68 -4.32 1.23 11.63
CA GLY A 68 -5.04 0.60 10.54
C GLY A 68 -6.52 0.32 10.72
N VAL A 69 -6.96 -0.19 11.88
CA VAL A 69 -8.38 -0.47 12.01
C VAL A 69 -9.16 0.36 13.01
N VAL A 70 -8.57 0.69 14.14
CA VAL A 70 -9.28 1.45 15.15
C VAL A 70 -9.27 2.96 14.99
N TRP A 71 -8.12 3.58 14.77
CA TRP A 71 -8.10 5.04 14.64
C TRP A 71 -8.17 5.59 13.23
N GLY A 72 -7.44 4.97 12.31
CA GLY A 72 -7.42 5.43 10.93
C GLY A 72 -8.77 5.86 10.35
N PRO A 73 -9.83 5.03 10.50
CA PRO A 73 -11.16 5.34 9.98
C PRO A 73 -11.79 6.65 10.47
N ILE A 74 -11.45 7.09 11.67
CA ILE A 74 -12.02 8.32 12.20
C ILE A 74 -11.73 9.45 11.23
N LYS A 75 -12.73 9.86 10.48
CA LYS A 75 -12.58 10.88 9.44
C LYS A 75 -12.22 12.32 9.75
N ASP A 76 -12.72 12.91 10.82
CA ASP A 76 -12.39 14.32 11.08
C ASP A 76 -11.13 14.56 11.91
N MET A 77 -10.42 13.49 12.22
CA MET A 77 -9.20 13.61 12.97
C MET A 77 -8.01 13.44 12.04
N ILE A 78 -6.86 13.94 12.45
CA ILE A 78 -5.64 13.80 11.65
C ILE A 78 -4.80 12.84 12.47
N HIS A 79 -4.45 11.71 11.87
CA HIS A 79 -3.66 10.72 12.57
C HIS A 79 -2.21 10.87 12.13
N ILE A 80 -1.31 11.01 13.09
CA ILE A 80 0.09 11.16 12.74
C ILE A 80 0.93 9.93 12.98
N SER A 81 1.49 9.37 11.92
CA SER A 81 2.38 8.21 12.08
C SER A 81 3.67 8.82 12.60
N HIS A 82 3.95 8.59 13.89
CA HIS A 82 5.14 9.13 14.53
C HIS A 82 6.27 8.11 14.41
N GLY A 83 7.30 8.44 13.61
CA GLY A 83 8.40 7.52 13.41
C GLY A 83 8.90 7.65 11.98
N PRO A 84 9.61 6.62 11.45
CA PRO A 84 10.13 6.66 10.09
C PRO A 84 9.03 6.57 9.04
N VAL A 85 9.32 7.06 7.85
CA VAL A 85 8.41 7.13 6.71
C VAL A 85 7.69 5.87 6.24
N GLY A 86 8.26 4.70 6.47
CA GLY A 86 7.65 3.47 6.00
C GLY A 86 6.24 3.05 6.42
N CYS A 87 6.02 2.79 7.70
CA CYS A 87 4.71 2.34 8.19
C CYS A 87 3.52 3.09 7.58
N GLY A 88 3.51 4.41 7.69
CA GLY A 88 2.42 5.18 7.15
C GLY A 88 2.22 5.08 5.64
N GLN A 89 3.32 4.95 4.90
CA GLN A 89 3.21 4.86 3.45
C GLN A 89 2.58 3.54 3.04
N TYR A 90 2.99 2.45 3.69
CA TYR A 90 2.47 1.14 3.38
C TYR A 90 1.01 0.99 3.79
N SER A 91 0.61 1.70 4.83
CA SER A 91 -0.76 1.64 5.30
C SER A 91 -1.64 2.69 4.66
N ARG A 92 -1.03 3.68 3.98
CA ARG A 92 -1.80 4.75 3.35
C ARG A 92 -2.93 4.24 2.46
N ALA A 93 -4.16 4.52 2.89
CA ALA A 93 -5.37 4.09 2.19
C ALA A 93 -5.33 2.60 1.83
N GLY A 94 -4.86 1.78 2.78
CA GLY A 94 -4.77 0.34 2.57
C GLY A 94 -6.09 -0.41 2.77
N ARG A 95 -6.86 -0.02 3.79
CA ARG A 95 -8.14 -0.64 4.07
C ARG A 95 -9.25 0.24 3.49
N ARG A 96 -10.36 -0.36 3.11
CA ARG A 96 -11.43 0.42 2.52
C ARG A 96 -12.53 0.91 3.46
N ASN A 97 -12.17 1.69 4.48
CA ASN A 97 -13.15 2.20 5.42
C ASN A 97 -13.82 3.39 4.75
N TYR A 98 -14.92 3.14 4.04
CA TYR A 98 -15.61 4.22 3.35
C TYR A 98 -16.08 5.34 4.28
N TYR A 99 -16.12 6.55 3.75
CA TYR A 99 -16.56 7.70 4.54
C TYR A 99 -17.06 8.80 3.61
N ILE A 100 -17.64 9.83 4.19
CA ILE A 100 -18.15 10.94 3.39
C ILE A 100 -17.48 12.20 3.85
N GLY A 101 -16.75 12.86 2.97
CA GLY A 101 -16.09 14.09 3.36
C GLY A 101 -15.34 14.72 2.22
N THR A 102 -14.61 15.78 2.54
CA THR A 102 -13.82 16.55 1.60
C THR A 102 -12.38 16.34 2.05
N THR A 103 -11.72 15.32 1.51
CA THR A 103 -10.36 15.00 1.93
C THR A 103 -9.36 16.15 1.86
N GLY A 104 -8.58 16.29 2.92
CA GLY A 104 -7.59 17.36 2.99
C GLY A 104 -8.16 18.65 3.53
N VAL A 105 -9.47 18.68 3.77
CA VAL A 105 -10.09 19.86 4.31
C VAL A 105 -10.81 19.57 5.61
N ASN A 106 -11.71 18.58 5.61
CA ASN A 106 -12.41 18.24 6.84
C ASN A 106 -12.37 16.75 7.15
N ALA A 107 -11.92 15.95 6.18
CA ALA A 107 -11.79 14.49 6.37
C ALA A 107 -10.36 14.18 5.93
N PHE A 108 -9.69 13.24 6.58
CA PHE A 108 -8.29 12.95 6.25
C PHE A 108 -7.90 11.49 6.25
N VAL A 109 -8.86 10.61 5.98
CA VAL A 109 -8.64 9.18 6.03
C VAL A 109 -7.59 8.61 5.10
N THR A 110 -7.63 9.00 3.84
CA THR A 110 -6.72 8.50 2.82
C THR A 110 -5.38 9.25 2.71
N MET A 111 -5.15 10.19 3.62
CA MET A 111 -3.92 10.96 3.64
C MET A 111 -2.95 10.30 4.59
N ASN A 112 -1.69 10.71 4.49
CA ASN A 112 -0.64 10.13 5.33
C ASN A 112 0.20 11.23 5.95
N PHE A 113 -0.08 11.55 7.20
CA PHE A 113 0.69 12.56 7.91
C PHE A 113 1.72 11.78 8.68
N THR A 114 2.98 12.20 8.59
CA THR A 114 4.05 11.49 9.27
C THR A 114 5.12 12.45 9.78
N SER A 115 5.84 12.03 10.82
CA SER A 115 6.92 12.85 11.37
C SER A 115 8.20 12.50 10.62
N ASP A 116 8.11 11.50 9.74
CA ASP A 116 9.23 11.08 8.91
C ASP A 116 10.59 11.25 9.60
N PHE A 117 10.85 10.36 10.54
CA PHE A 117 12.08 10.32 11.33
C PHE A 117 13.37 10.13 10.57
N GLN A 118 14.31 11.05 10.78
CA GLN A 118 15.62 10.97 10.17
C GLN A 118 16.53 10.46 11.30
N GLU A 119 17.82 10.29 11.03
CA GLU A 119 18.76 9.82 12.05
C GLU A 119 18.79 10.77 13.24
N LYS A 120 18.81 12.08 12.96
CA LYS A 120 18.84 13.07 14.01
C LYS A 120 17.76 12.88 15.06
N ASP A 121 16.53 12.64 14.61
CA ASP A 121 15.39 12.46 15.51
C ASP A 121 15.51 11.23 16.40
N ILE A 122 16.05 10.14 15.86
CA ILE A 122 16.25 8.90 16.61
C ILE A 122 17.25 9.13 17.73
N VAL A 123 18.30 9.89 17.43
CA VAL A 123 19.35 10.17 18.40
C VAL A 123 18.97 11.21 19.46
N PHE A 124 18.35 12.31 19.04
CA PHE A 124 18.00 13.36 19.98
C PHE A 124 16.55 13.33 20.45
N GLY A 125 15.78 12.36 19.98
CA GLY A 125 14.39 12.27 20.39
C GLY A 125 13.51 13.14 19.50
N GLY A 126 12.31 12.65 19.20
CA GLY A 126 11.41 13.40 18.36
C GLY A 126 10.36 14.22 19.08
N ASP A 127 10.61 14.53 20.34
CA ASP A 127 9.68 15.31 21.16
C ASP A 127 9.53 16.76 20.68
N LYS A 128 10.63 17.46 20.46
CA LYS A 128 10.51 18.83 20.00
C LYS A 128 9.93 18.87 18.58
N LYS A 129 10.12 17.79 17.84
CA LYS A 129 9.61 17.68 16.48
C LYS A 129 8.09 17.50 16.54
N LEU A 130 7.64 16.60 17.41
CA LEU A 130 6.21 16.33 17.60
C LEU A 130 5.48 17.64 17.89
N ALA A 131 6.04 18.43 18.80
CA ALA A 131 5.43 19.70 19.16
C ALA A 131 5.34 20.68 18.00
N LYS A 132 6.35 20.63 17.13
CA LYS A 132 6.42 21.53 15.98
C LYS A 132 5.46 21.15 14.86
N LEU A 133 5.37 19.86 14.57
CA LEU A 133 4.48 19.44 13.51
C LEU A 133 3.01 19.60 13.92
N ILE A 134 2.72 19.43 15.20
CA ILE A 134 1.35 19.63 15.67
C ILE A 134 0.95 21.08 15.39
N ASP A 135 1.90 22.00 15.49
CA ASP A 135 1.60 23.39 15.19
C ASP A 135 1.42 23.62 13.70
N GLU A 136 2.14 22.88 12.87
CA GLU A 136 2.02 23.04 11.42
C GLU A 136 0.65 22.48 10.97
N VAL A 137 0.24 21.38 11.58
CA VAL A 137 -1.06 20.77 11.26
C VAL A 137 -2.19 21.78 11.56
N GLU A 138 -2.07 22.45 12.69
CA GLU A 138 -3.06 23.44 13.08
C GLU A 138 -3.24 24.57 12.07
N THR A 139 -2.15 25.01 11.43
CA THR A 139 -2.31 26.09 10.46
C THR A 139 -2.65 25.59 9.05
N LEU A 140 -2.14 24.43 8.66
CA LEU A 140 -2.40 23.90 7.32
C LEU A 140 -3.71 23.13 7.17
N PHE A 141 -4.24 22.66 8.30
CA PHE A 141 -5.49 21.91 8.31
C PHE A 141 -6.31 22.42 9.49
N PRO A 142 -6.70 23.70 9.42
CA PRO A 142 -7.49 24.33 10.48
C PRO A 142 -8.80 23.65 10.87
N LEU A 143 -9.48 23.04 9.90
CA LEU A 143 -10.76 22.39 10.15
C LEU A 143 -10.72 20.99 10.73
N ASN A 144 -9.57 20.56 11.22
CA ASN A 144 -9.48 19.22 11.82
C ASN A 144 -10.08 19.34 13.24
N LYS A 145 -10.66 18.25 13.73
CA LYS A 145 -11.29 18.25 15.05
C LYS A 145 -10.50 17.45 16.08
N GLY A 146 -9.25 17.19 15.80
CA GLY A 146 -8.44 16.44 16.74
C GLY A 146 -7.27 15.75 16.08
N ILE A 147 -6.28 15.40 16.89
CA ILE A 147 -5.09 14.72 16.40
C ILE A 147 -4.78 13.54 17.29
N SER A 148 -4.38 12.45 16.69
CA SER A 148 -3.98 11.29 17.46
C SER A 148 -2.53 11.04 17.02
N VAL A 149 -1.73 10.43 17.89
CA VAL A 149 -0.33 10.16 17.58
C VAL A 149 -0.08 8.67 17.64
N GLN A 150 0.00 8.03 16.48
CA GLN A 150 0.22 6.59 16.43
C GLN A 150 1.73 6.30 16.43
N SER A 151 2.22 5.72 17.53
CA SER A 151 3.64 5.42 17.66
C SER A 151 4.12 4.25 16.82
N GLU A 152 5.25 4.45 16.14
CA GLU A 152 5.86 3.40 15.34
C GLU A 152 6.97 2.83 16.20
N CYS A 153 7.46 1.64 15.88
CA CYS A 153 8.52 0.99 16.66
C CYS A 153 9.56 1.84 17.38
N PRO A 154 10.28 2.72 16.66
CA PRO A 154 11.30 3.54 17.30
C PRO A 154 10.88 4.37 18.50
N ILE A 155 9.66 4.92 18.49
CA ILE A 155 9.21 5.76 19.59
C ILE A 155 9.34 5.18 21.00
N GLY A 156 9.01 3.91 21.17
CA GLY A 156 9.12 3.31 22.49
C GLY A 156 10.56 3.04 22.88
N LEU A 157 11.34 2.53 21.94
CA LEU A 157 12.75 2.21 22.16
C LEU A 157 13.63 3.41 22.58
N ILE A 158 13.62 4.49 21.80
CA ILE A 158 14.46 5.64 22.17
C ILE A 158 13.84 6.49 23.28
N GLY A 159 12.92 5.86 24.01
CA GLY A 159 12.25 6.48 25.15
C GLY A 159 11.68 7.89 25.12
N ASP A 160 10.97 8.27 24.06
CA ASP A 160 10.38 9.61 24.00
C ASP A 160 9.04 9.57 24.75
N ASP A 161 8.59 10.73 25.24
CA ASP A 161 7.33 10.80 25.97
C ASP A 161 6.26 11.63 25.27
N ILE A 162 5.49 10.98 24.38
CA ILE A 162 4.45 11.68 23.64
C ILE A 162 3.26 12.10 24.48
N GLU A 163 3.07 11.44 25.63
CA GLU A 163 1.98 11.78 26.53
C GLU A 163 2.04 13.24 26.96
N SER A 164 3.21 13.68 27.40
CA SER A 164 3.39 15.07 27.83
C SER A 164 3.13 16.06 26.71
N VAL A 165 3.64 15.76 25.53
CA VAL A 165 3.44 16.66 24.40
C VAL A 165 1.94 16.79 24.14
N SER A 166 1.24 15.66 24.21
CA SER A 166 -0.20 15.64 23.99
C SER A 166 -0.90 16.56 24.98
N LYS A 167 -0.66 16.32 26.27
CA LYS A 167 -1.26 17.14 27.32
C LYS A 167 -0.96 18.61 27.17
N VAL A 168 0.31 18.95 26.96
CA VAL A 168 0.74 20.34 26.83
C VAL A 168 0.27 21.04 25.56
N LYS A 169 0.37 20.38 24.42
CA LYS A 169 -0.07 20.99 23.17
C LYS A 169 -1.60 21.02 23.15
N GLY A 170 -2.21 19.95 23.66
CA GLY A 170 -3.65 19.86 23.72
C GLY A 170 -4.24 21.00 24.54
N ALA A 171 -3.63 21.28 25.69
CA ALA A 171 -4.10 22.36 26.55
C ALA A 171 -3.93 23.70 25.82
N GLU A 172 -2.76 23.87 25.20
CA GLU A 172 -2.44 25.08 24.47
C GLU A 172 -3.41 25.40 23.34
N LEU A 173 -3.60 24.44 22.43
CA LEU A 173 -4.49 24.62 21.29
C LEU A 173 -5.97 24.26 21.56
N SER A 174 -6.28 23.86 22.80
CA SER A 174 -7.64 23.50 23.17
C SER A 174 -8.17 22.40 22.26
N LYS A 175 -7.30 21.44 21.94
CA LYS A 175 -7.67 20.33 21.06
C LYS A 175 -7.46 19.00 21.76
N THR A 176 -8.04 17.96 21.19
CA THR A 176 -7.88 16.63 21.73
C THR A 176 -6.71 15.98 20.99
N ILE A 177 -5.60 15.76 21.69
CA ILE A 177 -4.46 15.10 21.10
C ILE A 177 -4.34 13.78 21.84
N VAL A 178 -4.45 12.70 21.10
CA VAL A 178 -4.43 11.35 21.66
C VAL A 178 -3.14 10.58 21.39
N PRO A 179 -2.35 10.35 22.44
CA PRO A 179 -1.11 9.61 22.24
C PRO A 179 -1.39 8.13 22.30
N VAL A 180 -0.92 7.38 21.31
CA VAL A 180 -1.13 5.94 21.35
C VAL A 180 0.22 5.22 21.30
N ARG A 181 0.46 4.39 22.30
CA ARG A 181 1.70 3.62 22.41
C ARG A 181 1.53 2.30 21.70
N CYS A 182 1.27 2.36 20.41
CA CYS A 182 1.10 1.13 19.63
C CYS A 182 2.35 0.70 18.87
N GLU A 183 3.53 0.92 19.46
CA GLU A 183 4.78 0.52 18.80
C GLU A 183 4.61 -0.90 18.27
N GLY A 184 5.00 -1.08 17.02
CA GLY A 184 4.85 -2.36 16.38
C GLY A 184 5.37 -3.64 17.02
N PHE A 185 6.47 -3.59 17.75
CA PHE A 185 7.01 -4.80 18.36
C PHE A 185 6.15 -5.33 19.51
N ARG A 186 5.34 -4.47 20.13
CA ARG A 186 4.49 -4.87 21.25
C ARG A 186 3.54 -5.99 20.87
N GLY A 187 3.44 -7.00 21.72
CA GLY A 187 2.55 -8.12 21.47
C GLY A 187 2.93 -8.95 20.26
N VAL A 188 2.11 -9.95 19.95
CA VAL A 188 2.38 -10.82 18.81
C VAL A 188 1.34 -10.71 17.70
N SER A 189 0.60 -9.61 17.66
CA SER A 189 -0.41 -9.44 16.61
C SER A 189 -1.10 -8.09 16.72
N GLN A 190 -1.99 -7.84 15.76
CA GLN A 190 -2.77 -6.61 15.73
C GLN A 190 -3.63 -6.54 16.99
N SER A 191 -4.04 -7.71 17.47
CA SER A 191 -4.88 -7.82 18.67
C SER A 191 -4.49 -6.86 19.79
N LEU A 192 -3.22 -6.87 20.17
CA LEU A 192 -2.76 -5.98 21.23
C LEU A 192 -2.94 -4.52 20.81
N GLY A 193 -2.77 -4.26 19.51
CA GLY A 193 -2.93 -2.92 19.01
C GLY A 193 -4.35 -2.44 19.26
N HIS A 194 -5.31 -3.32 18.98
CA HIS A 194 -6.72 -3.05 19.17
C HIS A 194 -6.98 -2.65 20.64
N HIS A 195 -6.44 -3.45 21.56
CA HIS A 195 -6.59 -3.23 22.98
C HIS A 195 -5.97 -1.89 23.40
N ILE A 196 -4.81 -1.58 22.84
CA ILE A 196 -4.15 -0.32 23.18
C ILE A 196 -4.90 0.84 22.56
N ALA A 197 -5.40 0.64 21.35
CA ALA A 197 -6.13 1.69 20.66
C ALA A 197 -7.45 1.98 21.39
N ASN A 198 -8.07 0.96 21.95
CA ASN A 198 -9.32 1.12 22.68
C ASN A 198 -9.14 1.88 24.00
N ASP A 199 -8.06 1.59 24.71
CA ASP A 199 -7.79 2.28 25.97
C ASP A 199 -7.56 3.76 25.73
N ALA A 200 -6.91 4.06 24.62
CA ALA A 200 -6.64 5.45 24.28
C ALA A 200 -7.98 6.17 24.06
N VAL A 201 -8.91 5.52 23.37
CA VAL A 201 -10.22 6.09 23.12
C VAL A 201 -10.87 6.37 24.46
N ARG A 202 -10.83 5.35 25.32
CA ARG A 202 -11.40 5.44 26.66
C ARG A 202 -10.83 6.57 27.49
N ASP A 203 -9.50 6.63 27.60
CA ASP A 203 -8.82 7.65 28.41
C ASP A 203 -8.77 9.07 27.90
N TRP A 204 -8.86 9.28 26.58
CA TRP A 204 -8.76 10.63 26.07
C TRP A 204 -9.96 11.16 25.31
N VAL A 205 -10.83 10.26 24.85
CA VAL A 205 -12.00 10.70 24.11
C VAL A 205 -13.34 10.33 24.74
N LEU A 206 -13.56 9.05 24.94
CA LEU A 206 -14.82 8.54 25.47
C LEU A 206 -15.54 9.32 26.57
N GLY A 207 -14.81 9.86 27.54
CA GLY A 207 -15.46 10.59 28.61
C GLY A 207 -15.41 12.10 28.50
N LYS A 208 -15.22 12.62 27.29
CA LYS A 208 -15.13 14.06 27.11
C LYS A 208 -16.37 14.83 27.57
N ARG A 209 -17.54 14.20 27.49
CA ARG A 209 -18.76 14.86 27.93
C ARG A 209 -19.51 14.01 28.96
N ASP A 210 -18.85 13.76 30.08
CA ASP A 210 -19.44 12.99 31.16
C ASP A 210 -20.16 13.95 32.09
N GLU A 211 -19.84 15.24 31.98
CA GLU A 211 -20.49 16.25 32.81
C GLU A 211 -21.39 17.14 31.94
N ASP A 212 -21.62 16.69 30.70
CA ASP A 212 -22.46 17.45 29.78
C ASP A 212 -23.80 16.73 29.63
N THR A 213 -24.89 17.49 29.76
CA THR A 213 -26.24 16.93 29.64
C THR A 213 -27.10 17.60 28.57
N THR A 214 -26.52 18.54 27.84
CA THR A 214 -27.27 19.22 26.80
C THR A 214 -27.70 18.27 25.69
N PHE A 215 -27.27 17.01 25.79
CA PHE A 215 -27.62 16.03 24.78
C PHE A 215 -29.06 15.58 24.93
N ALA A 216 -29.82 15.69 23.85
CA ALA A 216 -31.22 15.31 23.81
C ALA A 216 -31.34 13.87 23.30
N SER A 217 -31.51 12.93 24.23
CA SER A 217 -31.63 11.52 23.90
C SER A 217 -33.07 11.04 23.71
N THR A 218 -33.21 9.84 23.18
CA THR A 218 -34.50 9.21 22.94
C THR A 218 -34.36 7.78 23.47
N PRO A 219 -35.49 7.06 23.61
CA PRO A 219 -35.45 5.69 24.10
C PRO A 219 -34.95 4.70 23.06
N TYR A 220 -34.66 5.20 21.88
CA TYR A 220 -34.20 4.32 20.81
C TYR A 220 -32.77 4.55 20.33
N ASP A 221 -32.01 5.35 21.07
CA ASP A 221 -30.62 5.65 20.74
C ASP A 221 -29.75 4.40 20.80
N VAL A 222 -29.08 4.11 19.70
CA VAL A 222 -28.22 2.94 19.64
C VAL A 222 -26.88 3.40 19.02
N ALA A 223 -25.83 2.63 19.25
CA ALA A 223 -24.52 2.95 18.72
C ALA A 223 -23.87 1.73 18.06
N ILE A 224 -23.41 1.89 16.83
CA ILE A 224 -22.76 0.80 16.12
C ILE A 224 -21.25 0.95 16.36
N ILE A 225 -20.69 0.04 17.15
CA ILE A 225 -19.27 0.07 17.47
C ILE A 225 -18.55 -1.07 16.76
N GLY A 226 -17.34 -0.79 16.30
CA GLY A 226 -16.55 -1.81 15.65
C GLY A 226 -16.88 -2.14 14.22
N ASP A 227 -17.63 -1.27 13.53
CA ASP A 227 -17.91 -1.55 12.14
C ASP A 227 -16.97 -0.66 11.35
N TYR A 228 -16.16 -1.27 10.49
CA TYR A 228 -15.19 -0.51 9.73
C TYR A 228 -15.67 0.00 8.39
N ASN A 229 -16.97 -0.21 8.17
CA ASN A 229 -17.63 0.25 6.97
C ASN A 229 -16.88 -0.10 5.72
N ILE A 230 -16.36 -1.31 5.67
CA ILE A 230 -15.61 -1.81 4.51
C ILE A 230 -16.54 -1.95 3.33
N GLY A 231 -16.21 -1.28 2.24
CA GLY A 231 -17.08 -1.34 1.07
C GLY A 231 -18.43 -0.72 1.38
N GLY A 232 -18.60 -0.21 2.59
CA GLY A 232 -19.86 0.40 2.96
C GLY A 232 -20.76 -0.45 3.85
N ASP A 233 -20.23 -1.55 4.38
CA ASP A 233 -20.99 -2.44 5.26
C ASP A 233 -21.84 -1.74 6.34
N ALA A 234 -21.26 -0.75 7.03
CA ALA A 234 -21.96 -0.06 8.10
C ALA A 234 -23.15 0.79 7.63
N TRP A 235 -23.03 1.41 6.47
CA TRP A 235 -24.12 2.21 5.95
C TRP A 235 -25.25 1.25 5.55
N SER A 236 -24.85 0.14 4.96
CA SER A 236 -25.74 -0.90 4.49
C SER A 236 -26.46 -1.58 5.67
N SER A 237 -25.94 -1.39 6.87
CA SER A 237 -26.52 -1.97 8.08
C SER A 237 -27.36 -0.90 8.78
N ARG A 238 -26.77 0.28 8.90
CA ARG A 238 -27.42 1.41 9.54
C ARG A 238 -28.77 1.75 8.90
N ILE A 239 -28.94 1.40 7.64
CA ILE A 239 -30.18 1.68 6.92
C ILE A 239 -31.31 0.82 7.49
N LEU A 240 -31.01 -0.46 7.73
CA LEU A 240 -31.99 -1.37 8.27
C LEU A 240 -32.39 -0.97 9.68
N LEU A 241 -31.41 -0.80 10.55
CA LEU A 241 -31.66 -0.41 11.93
C LEU A 241 -32.51 0.85 12.08
N GLU A 242 -32.52 1.72 11.08
CA GLU A 242 -33.32 2.92 11.21
C GLU A 242 -34.70 2.81 10.56
N GLU A 243 -34.83 1.85 9.63
CA GLU A 243 -36.11 1.59 8.97
C GLU A 243 -36.95 0.80 9.99
N MET A 244 -36.27 0.43 11.06
CA MET A 244 -36.82 -0.36 12.14
C MET A 244 -37.18 0.48 13.37
N GLY A 245 -37.08 1.80 13.26
CA GLY A 245 -37.42 2.66 14.37
C GLY A 245 -36.29 3.12 15.26
N LEU A 246 -35.10 2.53 15.13
CA LEU A 246 -33.97 2.93 15.97
C LEU A 246 -33.26 4.18 15.47
N ARG A 247 -32.57 4.87 16.37
CA ARG A 247 -31.83 6.08 16.03
C ARG A 247 -30.34 5.86 16.33
N CYS A 248 -29.55 5.56 15.30
CA CYS A 248 -28.11 5.32 15.48
C CYS A 248 -27.39 6.63 15.72
N VAL A 249 -27.06 6.89 16.98
CA VAL A 249 -26.37 8.12 17.35
C VAL A 249 -24.87 8.02 17.14
N ALA A 250 -24.33 6.84 17.35
CA ALA A 250 -22.89 6.66 17.21
C ALA A 250 -22.51 5.51 16.30
N GLN A 251 -21.76 5.82 15.27
CA GLN A 251 -21.28 4.80 14.36
C GLN A 251 -19.81 5.10 14.26
N TRP A 252 -18.98 4.41 15.04
CA TRP A 252 -17.59 4.73 14.90
C TRP A 252 -16.60 3.71 14.48
N SER A 253 -15.57 4.34 13.91
CA SER A 253 -14.39 3.79 13.28
C SER A 253 -14.84 4.06 11.85
N GLY A 254 -15.48 3.10 11.20
CA GLY A 254 -15.95 3.35 9.83
C GLY A 254 -16.81 4.60 9.71
N ASP A 255 -16.41 5.54 8.86
CA ASP A 255 -17.14 6.79 8.66
C ASP A 255 -17.33 7.41 10.03
N GLY A 256 -16.40 7.09 10.92
CA GLY A 256 -16.45 7.59 12.28
C GLY A 256 -16.19 9.08 12.41
N SER A 257 -16.71 9.66 13.47
CA SER A 257 -16.56 11.07 13.77
C SER A 257 -16.09 11.12 15.22
N ILE A 258 -15.25 12.09 15.56
CA ILE A 258 -14.77 12.18 16.92
C ILE A 258 -15.97 12.47 17.80
N SER A 259 -16.83 13.35 17.29
CA SER A 259 -18.05 13.75 17.99
C SER A 259 -18.94 12.56 18.33
N GLU A 260 -19.09 11.62 17.40
CA GLU A 260 -19.91 10.44 17.62
C GLU A 260 -19.33 9.56 18.74
N ILE A 261 -18.01 9.51 18.85
CA ILE A 261 -17.37 8.70 19.89
C ILE A 261 -17.74 9.19 21.27
N GLU A 262 -17.75 10.51 21.41
CA GLU A 262 -18.09 11.14 22.68
C GLU A 262 -19.55 11.00 23.11
N LEU A 263 -20.43 10.69 22.16
CA LEU A 263 -21.85 10.52 22.45
C LEU A 263 -22.20 9.07 22.70
N THR A 264 -21.29 8.15 22.37
CA THR A 264 -21.57 6.73 22.57
C THR A 264 -22.13 6.41 23.95
N PRO A 265 -21.58 7.03 25.01
CA PRO A 265 -22.05 6.78 26.37
C PRO A 265 -23.48 7.27 26.61
N LYS A 266 -23.98 8.13 25.73
CA LYS A 266 -25.34 8.65 25.87
C LYS A 266 -26.40 7.76 25.22
N VAL A 267 -26.04 6.53 24.85
CA VAL A 267 -26.99 5.63 24.21
C VAL A 267 -27.56 4.59 25.17
N LYS A 268 -28.59 3.88 24.70
CA LYS A 268 -29.26 2.86 25.48
C LYS A 268 -28.76 1.46 25.16
N LEU A 269 -28.27 1.25 23.95
CA LEU A 269 -27.75 -0.05 23.56
C LEU A 269 -26.50 0.07 22.67
N ASN A 270 -25.57 -0.86 22.82
CA ASN A 270 -24.36 -0.86 22.01
C ASN A 270 -24.34 -2.09 21.13
N LEU A 271 -24.31 -1.86 19.82
CA LEU A 271 -24.28 -2.94 18.87
C LEU A 271 -22.82 -3.11 18.44
N VAL A 272 -22.31 -4.33 18.62
CA VAL A 272 -20.92 -4.60 18.29
C VAL A 272 -20.75 -5.58 17.14
N HIS A 273 -20.19 -5.10 16.05
CA HIS A 273 -19.96 -5.94 14.86
C HIS A 273 -18.71 -6.81 15.08
N CYS A 274 -17.56 -6.16 15.27
CA CYS A 274 -16.32 -6.89 15.50
C CYS A 274 -15.95 -6.84 16.98
N TYR A 275 -16.28 -7.91 17.68
CA TYR A 275 -16.01 -8.01 19.11
C TYR A 275 -14.51 -8.12 19.34
N ARG A 276 -13.83 -8.90 18.50
CA ARG A 276 -12.39 -9.12 18.63
C ARG A 276 -11.57 -7.86 18.83
N SER A 277 -12.00 -6.75 18.23
CA SER A 277 -11.24 -5.50 18.35
C SER A 277 -11.90 -4.41 19.16
N MET A 278 -13.19 -4.56 19.46
CA MET A 278 -13.90 -3.52 20.21
C MET A 278 -14.61 -3.99 21.48
N ASN A 279 -14.47 -5.27 21.80
CA ASN A 279 -15.09 -5.81 23.00
C ASN A 279 -14.60 -5.06 24.24
N TYR A 280 -13.29 -4.80 24.29
CA TYR A 280 -12.67 -4.10 25.40
C TYR A 280 -13.49 -2.90 25.85
N ILE A 281 -13.60 -1.92 24.96
CA ILE A 281 -14.33 -0.69 25.23
C ILE A 281 -15.83 -0.95 25.47
N SER A 282 -16.31 -2.11 25.05
CA SER A 282 -17.73 -2.45 25.21
C SER A 282 -18.04 -2.81 26.66
N ARG A 283 -17.19 -3.64 27.24
CA ARG A 283 -17.33 -4.08 28.62
C ARG A 283 -17.20 -2.90 29.57
N HIS A 284 -16.27 -2.00 29.27
CA HIS A 284 -16.03 -0.84 30.10
C HIS A 284 -17.20 0.15 30.14
N MET A 285 -17.88 0.34 29.01
CA MET A 285 -19.00 1.28 28.97
C MET A 285 -20.20 0.78 29.74
N GLU A 286 -20.19 -0.52 30.07
CA GLU A 286 -21.28 -1.13 30.81
C GLU A 286 -21.13 -0.92 32.31
N GLU A 287 -19.89 -0.75 32.77
CA GLU A 287 -19.60 -0.55 34.19
C GLU A 287 -19.68 0.91 34.59
N LYS A 288 -19.01 1.75 33.82
CA LYS A 288 -18.99 3.18 34.12
C LYS A 288 -20.29 3.86 33.75
N TYR A 289 -21.04 3.26 32.83
CA TYR A 289 -22.31 3.84 32.37
C TYR A 289 -23.50 2.89 32.41
N GLY A 290 -23.25 1.61 32.63
CA GLY A 290 -24.34 0.65 32.67
C GLY A 290 -25.05 0.47 31.34
N ILE A 291 -24.33 0.62 30.23
CA ILE A 291 -24.91 0.46 28.90
C ILE A 291 -24.62 -0.95 28.41
N PRO A 292 -25.67 -1.76 28.19
CA PRO A 292 -25.50 -3.14 27.72
C PRO A 292 -25.02 -3.19 26.27
N TRP A 293 -24.55 -4.35 25.83
CA TRP A 293 -24.06 -4.48 24.47
C TRP A 293 -24.33 -5.88 23.93
N MET A 294 -24.44 -5.99 22.62
CA MET A 294 -24.67 -7.27 21.99
C MET A 294 -24.03 -7.31 20.62
N GLU A 295 -23.78 -8.53 20.13
CA GLU A 295 -23.20 -8.72 18.82
C GLU A 295 -24.34 -8.69 17.81
N TYR A 296 -24.01 -8.46 16.54
CA TYR A 296 -25.01 -8.46 15.49
C TYR A 296 -24.30 -8.84 14.20
N ASN A 297 -24.98 -9.56 13.34
CA ASN A 297 -24.36 -9.97 12.10
C ASN A 297 -25.35 -9.97 10.96
N PHE A 298 -25.06 -9.17 9.94
CA PHE A 298 -25.95 -9.07 8.79
C PHE A 298 -25.35 -9.68 7.55
N PHE A 299 -24.78 -10.87 7.71
CA PHE A 299 -24.15 -11.57 6.60
C PHE A 299 -25.11 -12.60 6.04
N GLY A 300 -25.87 -12.18 5.03
CA GLY A 300 -26.86 -13.07 4.45
C GLY A 300 -28.22 -12.74 5.05
N PRO A 301 -29.32 -13.20 4.42
CA PRO A 301 -30.67 -12.92 4.95
C PRO A 301 -31.00 -13.65 6.26
N THR A 302 -30.58 -14.90 6.41
CA THR A 302 -30.84 -15.64 7.65
C THR A 302 -30.36 -14.87 8.89
N LYS A 303 -29.06 -14.56 8.92
CA LYS A 303 -28.47 -13.84 10.04
C LYS A 303 -29.07 -12.44 10.18
N THR A 304 -29.32 -11.77 9.07
CA THR A 304 -29.87 -10.41 9.14
C THR A 304 -31.23 -10.39 9.82
N ILE A 305 -32.08 -11.34 9.45
CA ILE A 305 -33.42 -11.45 10.05
C ILE A 305 -33.24 -11.82 11.51
N GLU A 306 -32.40 -12.82 11.75
CA GLU A 306 -32.14 -13.28 13.12
C GLU A 306 -31.73 -12.10 14.00
N SER A 307 -30.61 -11.46 13.65
CA SER A 307 -30.08 -10.34 14.42
C SER A 307 -31.02 -9.14 14.50
N LEU A 308 -31.85 -8.93 13.49
CA LEU A 308 -32.79 -7.82 13.52
C LEU A 308 -33.88 -8.12 14.54
N ARG A 309 -34.32 -9.38 14.60
CA ARG A 309 -35.33 -9.81 15.56
C ARG A 309 -34.78 -9.57 16.97
N ALA A 310 -33.61 -10.15 17.22
CA ALA A 310 -32.93 -10.04 18.51
C ALA A 310 -32.72 -8.59 18.97
N ILE A 311 -32.36 -7.71 18.05
CA ILE A 311 -32.15 -6.31 18.42
C ILE A 311 -33.48 -5.72 18.90
N ALA A 312 -34.53 -5.94 18.12
CA ALA A 312 -35.85 -5.42 18.45
C ALA A 312 -36.30 -5.89 19.83
N ALA A 313 -36.05 -7.17 20.13
CA ALA A 313 -36.42 -7.74 21.41
C ALA A 313 -35.92 -6.90 22.60
N LYS A 314 -34.74 -6.32 22.49
CA LYS A 314 -34.20 -5.52 23.58
C LYS A 314 -35.05 -4.27 23.80
N PHE A 315 -35.99 -4.03 22.90
CA PHE A 315 -36.87 -2.88 22.98
C PHE A 315 -38.34 -3.27 23.13
N ASP A 316 -39.24 -2.30 23.10
CA ASP A 316 -40.67 -2.58 23.24
C ASP A 316 -41.22 -3.41 22.07
N GLU A 317 -42.53 -3.33 21.85
CA GLU A 317 -43.15 -4.09 20.78
C GLU A 317 -43.34 -3.35 19.45
N SER A 318 -43.41 -2.02 19.50
CA SER A 318 -43.57 -1.24 18.28
C SER A 318 -42.36 -1.42 17.35
N ILE A 319 -41.19 -1.61 17.96
CA ILE A 319 -39.95 -1.81 17.22
C ILE A 319 -39.98 -3.22 16.62
N GLN A 320 -40.55 -4.16 17.37
CA GLN A 320 -40.65 -5.53 16.90
C GLN A 320 -41.61 -5.60 15.73
N LYS A 321 -42.59 -4.70 15.71
CA LYS A 321 -43.56 -4.68 14.61
C LYS A 321 -42.89 -4.07 13.39
N LYS A 322 -42.20 -2.96 13.60
CA LYS A 322 -41.47 -2.28 12.53
C LYS A 322 -40.45 -3.24 11.95
N CYS A 323 -39.81 -3.99 12.83
CA CYS A 323 -38.82 -4.97 12.43
C CYS A 323 -39.43 -5.96 11.46
N GLU A 324 -40.74 -6.19 11.61
CA GLU A 324 -41.44 -7.12 10.75
C GLU A 324 -41.77 -6.50 9.41
N GLU A 325 -42.10 -5.21 9.43
CA GLU A 325 -42.42 -4.49 8.20
C GLU A 325 -41.15 -4.42 7.35
N VAL A 326 -40.01 -4.33 8.01
CA VAL A 326 -38.72 -4.28 7.34
C VAL A 326 -38.42 -5.63 6.70
N ILE A 327 -38.54 -6.70 7.47
CA ILE A 327 -38.30 -8.04 6.95
C ILE A 327 -39.26 -8.39 5.82
N ALA A 328 -40.49 -7.88 5.88
CA ALA A 328 -41.46 -8.15 4.82
C ALA A 328 -41.01 -7.45 3.55
N LYS A 329 -40.66 -6.18 3.69
CA LYS A 329 -40.20 -5.34 2.58
C LYS A 329 -39.02 -5.92 1.79
N TYR A 330 -38.10 -6.60 2.45
CA TYR A 330 -36.95 -7.15 1.74
C TYR A 330 -37.07 -8.62 1.41
N LYS A 331 -38.14 -9.26 1.83
CA LYS A 331 -38.33 -10.69 1.56
C LYS A 331 -38.18 -11.07 0.08
N PRO A 332 -38.97 -10.44 -0.81
CA PRO A 332 -38.88 -10.76 -2.24
C PRO A 332 -37.50 -10.47 -2.82
N GLU A 333 -36.91 -9.35 -2.40
CA GLU A 333 -35.60 -8.96 -2.90
C GLU A 333 -34.52 -10.05 -2.68
N TRP A 334 -34.43 -10.64 -1.50
CA TRP A 334 -33.41 -11.68 -1.34
C TRP A 334 -33.83 -13.00 -1.93
N GLU A 335 -35.14 -13.22 -2.08
CA GLU A 335 -35.63 -14.47 -2.67
C GLU A 335 -35.24 -14.53 -4.15
N ALA A 336 -35.34 -13.40 -4.84
CA ALA A 336 -34.98 -13.31 -6.24
C ALA A 336 -33.48 -13.58 -6.35
N VAL A 337 -32.71 -13.12 -5.36
CA VAL A 337 -31.28 -13.31 -5.35
C VAL A 337 -30.94 -14.80 -5.22
N VAL A 338 -31.65 -15.50 -4.33
CA VAL A 338 -31.43 -16.93 -4.13
C VAL A 338 -31.92 -17.70 -5.36
N ALA A 339 -32.97 -17.17 -5.98
CA ALA A 339 -33.56 -17.78 -7.17
C ALA A 339 -32.58 -17.75 -8.33
N LYS A 340 -31.86 -16.64 -8.45
CA LYS A 340 -30.90 -16.45 -9.51
C LYS A 340 -29.57 -17.21 -9.34
N TYR A 341 -28.96 -17.08 -8.17
CA TYR A 341 -27.66 -17.69 -7.92
C TYR A 341 -27.57 -19.06 -7.24
N ARG A 342 -28.52 -19.42 -6.38
CA ARG A 342 -28.44 -20.70 -5.70
C ARG A 342 -28.19 -21.83 -6.71
N PRO A 343 -28.89 -21.81 -7.85
CA PRO A 343 -28.67 -22.86 -8.84
C PRO A 343 -27.20 -22.97 -9.28
N ARG A 344 -26.55 -21.83 -9.49
CA ARG A 344 -25.15 -21.81 -9.95
C ARG A 344 -24.07 -21.89 -8.86
N LEU A 345 -24.48 -21.97 -7.60
CA LEU A 345 -23.56 -22.06 -6.48
C LEU A 345 -23.78 -23.31 -5.62
N GLU A 346 -24.90 -23.98 -5.82
CA GLU A 346 -25.27 -25.18 -5.07
C GLU A 346 -24.24 -26.31 -5.15
N GLY A 347 -23.90 -26.86 -3.99
CA GLY A 347 -22.93 -27.95 -3.94
C GLY A 347 -21.48 -27.53 -3.81
N LYS A 348 -21.22 -26.24 -4.01
CA LYS A 348 -19.85 -25.69 -3.92
C LYS A 348 -19.37 -25.64 -2.47
N ARG A 349 -18.15 -26.10 -2.22
CA ARG A 349 -17.61 -26.12 -0.87
C ARG A 349 -16.61 -25.01 -0.53
N VAL A 350 -17.02 -24.13 0.36
CA VAL A 350 -16.18 -23.03 0.80
C VAL A 350 -15.55 -23.42 2.13
N MET A 351 -14.23 -23.33 2.20
CA MET A 351 -13.51 -23.69 3.41
C MET A 351 -13.14 -22.47 4.25
N LEU A 352 -13.59 -22.46 5.50
CA LEU A 352 -13.28 -21.37 6.41
C LEU A 352 -12.24 -21.83 7.41
N TYR A 353 -11.69 -20.90 8.18
CA TYR A 353 -10.68 -21.28 9.18
C TYR A 353 -11.32 -21.51 10.54
N ILE A 354 -12.07 -22.60 10.65
CA ILE A 354 -12.74 -22.97 11.89
C ILE A 354 -12.36 -24.40 12.28
N GLY A 355 -12.42 -24.68 13.58
CA GLY A 355 -12.09 -26.00 14.08
C GLY A 355 -13.20 -26.99 13.77
N GLY A 356 -12.82 -28.21 13.44
CA GLY A 356 -13.80 -29.22 13.11
C GLY A 356 -13.97 -29.33 11.60
N LEU A 357 -15.10 -29.93 11.19
CA LEU A 357 -15.38 -30.09 9.77
C LEU A 357 -16.55 -29.22 9.33
N ARG A 358 -17.27 -28.67 10.30
CA ARG A 358 -18.41 -27.81 10.03
C ARG A 358 -18.62 -26.83 11.19
N PRO A 359 -19.02 -25.60 10.86
CA PRO A 359 -19.27 -24.54 11.86
C PRO A 359 -20.24 -24.96 12.95
N ARG A 360 -20.03 -24.44 14.15
CA ARG A 360 -20.90 -24.77 15.27
C ARG A 360 -22.33 -24.34 14.97
N HIS A 361 -22.48 -23.38 14.07
CA HIS A 361 -23.80 -22.90 13.67
C HIS A 361 -23.78 -22.29 12.27
N VAL A 362 -24.76 -21.44 11.97
CA VAL A 362 -24.86 -20.81 10.67
C VAL A 362 -23.88 -19.67 10.46
N ILE A 363 -23.10 -19.77 9.39
CA ILE A 363 -22.13 -18.73 9.04
C ILE A 363 -22.91 -17.54 8.47
N GLY A 364 -23.93 -17.85 7.66
CA GLY A 364 -24.74 -16.78 7.10
C GLY A 364 -25.10 -16.93 5.63
N ALA A 365 -24.55 -16.03 4.83
CA ALA A 365 -24.81 -16.00 3.39
C ALA A 365 -24.44 -17.26 2.62
N TYR A 366 -23.34 -17.93 2.98
CA TYR A 366 -22.94 -19.14 2.27
C TYR A 366 -24.06 -20.18 2.26
N GLU A 367 -24.71 -20.36 3.40
CA GLU A 367 -25.79 -21.33 3.53
C GLU A 367 -27.02 -20.94 2.71
N ASP A 368 -27.38 -19.66 2.75
CA ASP A 368 -28.54 -19.19 2.01
C ASP A 368 -28.40 -19.49 0.51
N LEU A 369 -27.16 -19.59 0.03
CA LEU A 369 -26.91 -19.85 -1.38
C LEU A 369 -26.67 -21.33 -1.66
N GLY A 370 -27.02 -22.17 -0.69
CA GLY A 370 -26.86 -23.61 -0.84
C GLY A 370 -25.43 -24.08 -0.98
N MET A 371 -24.50 -23.42 -0.30
CA MET A 371 -23.10 -23.80 -0.36
C MET A 371 -22.71 -24.67 0.83
N GLU A 372 -21.76 -25.58 0.61
CA GLU A 372 -21.28 -26.48 1.65
C GLU A 372 -20.07 -25.86 2.36
N VAL A 373 -20.25 -25.48 3.63
CA VAL A 373 -19.13 -24.90 4.37
C VAL A 373 -18.38 -25.99 5.13
N VAL A 374 -17.07 -26.08 4.90
CA VAL A 374 -16.24 -27.06 5.57
C VAL A 374 -15.26 -26.35 6.49
N GLY A 375 -14.55 -27.11 7.31
CA GLY A 375 -13.59 -26.51 8.22
C GLY A 375 -12.18 -26.95 7.91
N THR A 376 -11.25 -26.62 8.81
CA THR A 376 -9.85 -26.98 8.64
C THR A 376 -9.47 -28.21 9.48
N GLY A 377 -10.48 -28.95 9.94
CA GLY A 377 -10.22 -30.11 10.77
C GLY A 377 -9.91 -29.71 12.19
N TYR A 378 -9.11 -30.50 12.89
CA TYR A 378 -8.75 -30.20 14.27
C TYR A 378 -7.25 -30.03 14.46
N GLU A 379 -6.61 -29.28 13.55
CA GLU A 379 -5.17 -29.05 13.62
C GLU A 379 -4.70 -27.98 12.64
N GLU A 407 1.29 -28.13 7.98
CA GLU A 407 0.67 -28.37 6.68
C GLU A 407 -0.14 -27.17 6.17
N PHE A 408 -1.43 -27.42 5.91
CA PHE A 408 -2.40 -26.45 5.42
C PHE A 408 -2.35 -26.18 3.93
N GLU A 409 -1.16 -26.27 3.33
CA GLU A 409 -1.03 -26.07 1.89
C GLU A 409 -1.42 -27.37 1.20
N GLU A 410 -0.82 -28.47 1.63
CA GLU A 410 -1.12 -29.76 1.03
C GLU A 410 -2.54 -30.16 1.45
N PHE A 411 -2.89 -29.81 2.69
CA PHE A 411 -4.22 -30.11 3.22
C PHE A 411 -5.26 -29.68 2.19
N VAL A 412 -5.15 -28.43 1.75
CA VAL A 412 -6.07 -27.87 0.75
C VAL A 412 -6.01 -28.59 -0.59
N LYS A 413 -4.82 -29.03 -0.98
CA LYS A 413 -4.68 -29.74 -2.25
C LYS A 413 -5.41 -31.07 -2.22
N ARG A 414 -5.40 -31.71 -1.05
CA ARG A 414 -6.03 -33.01 -0.86
C ARG A 414 -7.56 -32.89 -0.63
N ILE A 415 -8.00 -31.74 -0.14
CA ILE A 415 -9.42 -31.49 0.10
C ILE A 415 -10.05 -30.83 -1.12
N LYS A 416 -9.23 -30.10 -1.87
CA LYS A 416 -9.66 -29.40 -3.09
C LYS A 416 -10.99 -28.65 -2.94
N PRO A 417 -11.00 -27.57 -2.13
CA PRO A 417 -12.24 -26.81 -1.95
C PRO A 417 -12.55 -26.06 -3.24
N ASP A 418 -13.59 -25.24 -3.21
CA ASP A 418 -13.95 -24.46 -4.38
C ASP A 418 -13.48 -23.03 -4.17
N LEU A 419 -13.20 -22.69 -2.91
CA LEU A 419 -12.70 -21.37 -2.55
C LEU A 419 -12.41 -21.32 -1.05
N ILE A 420 -11.41 -20.54 -0.67
CA ILE A 420 -11.06 -20.39 0.73
C ILE A 420 -11.81 -19.17 1.24
N GLY A 421 -12.66 -19.38 2.23
CA GLY A 421 -13.46 -18.30 2.77
C GLY A 421 -12.77 -17.41 3.79
N SER A 422 -11.71 -17.90 4.42
CA SER A 422 -11.00 -17.08 5.42
C SER A 422 -9.73 -17.76 5.93
N GLY A 423 -9.06 -17.09 6.86
CA GLY A 423 -7.84 -17.65 7.43
C GLY A 423 -6.60 -17.49 6.57
N ILE A 424 -5.44 -17.79 7.18
CA ILE A 424 -4.11 -17.73 6.57
C ILE A 424 -4.08 -16.92 5.26
N LYS A 425 -4.27 -15.62 5.38
CA LYS A 425 -4.29 -14.67 4.26
C LYS A 425 -3.32 -14.84 3.07
N GLU A 426 -3.40 -13.88 2.17
CA GLU A 426 -2.61 -13.78 0.92
C GLU A 426 -3.20 -14.66 -0.17
N LYS A 427 -4.20 -14.10 -0.85
CA LYS A 427 -4.91 -14.77 -1.92
C LYS A 427 -4.01 -15.22 -3.06
N PHE A 428 -2.94 -14.46 -3.30
CA PHE A 428 -2.03 -14.75 -4.40
C PHE A 428 -1.37 -16.12 -4.36
N ILE A 429 -1.16 -16.66 -3.16
CA ILE A 429 -0.55 -17.98 -3.07
C ILE A 429 -1.58 -19.01 -3.52
N PHE A 430 -2.79 -18.87 -3.00
CA PHE A 430 -3.88 -19.78 -3.36
C PHE A 430 -4.23 -19.71 -4.85
N GLN A 431 -4.23 -18.50 -5.41
CA GLN A 431 -4.51 -18.32 -6.82
C GLN A 431 -3.60 -19.20 -7.66
N LYS A 432 -2.31 -19.21 -7.32
CA LYS A 432 -1.35 -20.02 -8.05
C LYS A 432 -1.74 -21.48 -7.97
N MET A 433 -2.41 -21.84 -6.88
CA MET A 433 -2.86 -23.21 -6.64
C MET A 433 -4.24 -23.48 -7.26
N GLY A 434 -4.76 -22.52 -8.01
CA GLY A 434 -6.06 -22.68 -8.65
C GLY A 434 -7.25 -22.59 -7.72
N ILE A 435 -7.10 -21.91 -6.59
CA ILE A 435 -8.21 -21.78 -5.65
C ILE A 435 -8.63 -20.33 -5.32
N PRO A 436 -9.90 -19.99 -5.56
CA PRO A 436 -10.41 -18.65 -5.28
C PRO A 436 -10.25 -18.28 -3.79
N PHE A 437 -10.11 -16.98 -3.51
CA PHE A 437 -9.97 -16.51 -2.13
C PHE A 437 -10.69 -15.16 -1.97
N ARG A 438 -11.97 -15.23 -1.64
CA ARG A 438 -12.79 -14.04 -1.42
C ARG A 438 -13.65 -14.28 -0.17
N GLU A 439 -13.32 -13.60 0.92
CA GLU A 439 -14.00 -13.79 2.21
C GLU A 439 -15.30 -13.08 2.55
N MET A 440 -15.55 -12.99 3.85
CA MET A 440 -16.76 -12.37 4.43
C MET A 440 -16.92 -10.87 4.18
N HIS A 441 -15.81 -10.15 4.11
CA HIS A 441 -15.87 -8.71 3.89
C HIS A 441 -15.31 -8.32 2.54
N SER A 442 -15.74 -7.16 2.05
CA SER A 442 -15.28 -6.65 0.77
C SER A 442 -13.76 -6.76 0.75
N TRP A 443 -13.12 -5.94 1.59
CA TRP A 443 -11.66 -5.90 1.72
C TRP A 443 -10.93 -5.36 0.50
N ASP A 444 -11.20 -5.91 -0.68
CA ASP A 444 -10.47 -5.44 -1.84
C ASP A 444 -11.17 -4.79 -3.01
N TYR A 445 -12.31 -5.29 -3.43
CA TYR A 445 -12.90 -4.66 -4.60
C TYR A 445 -14.39 -4.31 -4.66
N SER A 446 -15.26 -5.17 -4.15
CA SER A 446 -16.69 -4.87 -4.25
C SER A 446 -17.30 -4.42 -2.92
N GLY A 447 -18.48 -4.92 -2.61
CA GLY A 447 -19.12 -4.56 -1.36
C GLY A 447 -20.20 -3.52 -1.55
N PRO A 448 -21.05 -3.31 -0.55
CA PRO A 448 -21.01 -4.04 0.73
C PRO A 448 -21.45 -5.49 0.59
N TYR A 449 -21.20 -6.29 1.62
CA TYR A 449 -21.57 -7.70 1.63
C TYR A 449 -22.55 -7.96 2.77
N HIS A 450 -22.88 -6.93 3.53
CA HIS A 450 -23.78 -7.08 4.65
C HIS A 450 -25.08 -6.38 4.40
N GLY A 451 -26.11 -6.77 5.15
CA GLY A 451 -27.44 -6.19 4.99
C GLY A 451 -28.12 -6.94 3.85
N PHE A 452 -29.31 -6.51 3.46
CA PHE A 452 -30.03 -7.18 2.38
C PHE A 452 -29.43 -6.77 1.03
N ASP A 453 -29.12 -5.49 0.90
CA ASP A 453 -28.53 -5.00 -0.34
C ASP A 453 -27.15 -5.63 -0.54
N GLY A 454 -26.49 -5.95 0.57
CA GLY A 454 -25.17 -6.54 0.49
C GLY A 454 -25.18 -7.98 0.02
N PHE A 455 -26.26 -8.69 0.30
CA PHE A 455 -26.39 -10.11 -0.09
C PHE A 455 -26.34 -10.31 -1.60
N ALA A 456 -27.04 -9.43 -2.32
CA ALA A 456 -27.09 -9.49 -3.78
C ALA A 456 -25.68 -9.30 -4.34
N ILE A 457 -24.97 -8.32 -3.79
CA ILE A 457 -23.60 -8.02 -4.21
C ILE A 457 -22.68 -9.21 -3.95
N PHE A 458 -22.83 -9.81 -2.77
CA PHE A 458 -22.04 -10.97 -2.35
C PHE A 458 -22.36 -12.16 -3.24
N ALA A 459 -23.64 -12.33 -3.52
CA ALA A 459 -24.12 -13.41 -4.35
C ALA A 459 -23.54 -13.32 -5.75
N ARG A 460 -23.59 -12.12 -6.34
CA ARG A 460 -23.04 -11.93 -7.67
C ARG A 460 -21.55 -12.22 -7.73
N ASP A 461 -20.80 -11.70 -6.77
CA ASP A 461 -19.35 -11.90 -6.76
C ASP A 461 -18.96 -13.37 -6.58
N MET A 462 -19.69 -14.06 -5.71
CA MET A 462 -19.45 -15.47 -5.47
C MET A 462 -19.56 -16.22 -6.79
N ASP A 463 -20.66 -15.98 -7.50
CA ASP A 463 -20.89 -16.62 -8.77
C ASP A 463 -19.81 -16.32 -9.81
N MET A 464 -19.40 -15.07 -9.90
CA MET A 464 -18.39 -14.72 -10.88
C MET A 464 -17.04 -15.36 -10.59
N THR A 465 -16.67 -15.43 -9.31
CA THR A 465 -15.38 -16.02 -8.92
C THR A 465 -15.39 -17.53 -9.08
N LEU A 466 -16.38 -18.18 -8.48
CA LEU A 466 -16.50 -19.63 -8.54
C LEU A 466 -16.62 -20.17 -9.96
N ASN A 467 -17.51 -19.57 -10.74
CA ASN A 467 -17.78 -20.01 -12.11
C ASN A 467 -16.99 -19.40 -13.25
N ASN A 468 -16.04 -18.50 -12.97
CA ASN A 468 -15.28 -17.89 -14.06
C ASN A 468 -14.43 -18.93 -14.78
N PRO A 469 -14.45 -18.91 -16.12
CA PRO A 469 -13.67 -19.86 -16.92
C PRO A 469 -12.15 -19.85 -16.78
N CYS A 470 -11.60 -18.88 -16.05
CA CYS A 470 -10.16 -18.82 -15.90
C CYS A 470 -9.60 -19.98 -15.07
N TRP A 471 -10.38 -20.44 -14.09
CA TRP A 471 -9.94 -21.54 -13.24
C TRP A 471 -9.93 -22.88 -13.95
N LYS A 472 -10.59 -22.94 -15.10
CA LYS A 472 -10.67 -24.19 -15.87
C LYS A 472 -9.67 -24.19 -17.02
N LYS A 473 -8.64 -23.36 -16.95
CA LYS A 473 -7.66 -23.31 -18.02
C LYS A 473 -6.25 -23.56 -17.54
N LEU A 474 -6.08 -23.87 -16.26
CA LEU A 474 -4.75 -24.10 -15.72
C LEU A 474 -3.89 -25.13 -16.48
N GLN A 475 -4.52 -26.16 -17.04
CA GLN A 475 -3.78 -27.20 -17.76
C GLN A 475 -3.76 -27.01 -19.28
N ALA A 476 -2.58 -26.87 -19.85
CA ALA A 476 -2.43 -26.71 -21.29
C ALA A 476 -2.88 -28.00 -21.98
N PRO A 477 -3.63 -27.89 -23.09
CA PRO A 477 -4.13 -29.05 -23.83
C PRO A 477 -3.09 -29.99 -24.45
N TRP A 478 -1.81 -29.67 -24.30
CA TRP A 478 -0.78 -30.55 -24.85
C TRP A 478 0.09 -31.05 -23.70
N GLU A 479 -0.54 -31.20 -22.54
CA GLU A 479 0.11 -31.66 -21.31
C GLU A 479 1.14 -30.62 -20.84
N SER B 1 -32.33 -0.86 -1.59
CA SER B 1 -33.07 -1.91 -2.34
C SER B 1 -32.28 -2.34 -3.58
N GLN B 2 -32.60 -3.53 -4.11
CA GLN B 2 -31.89 -4.04 -5.27
C GLN B 2 -32.71 -4.89 -6.24
N GLN B 3 -32.49 -4.66 -7.53
CA GLN B 3 -33.14 -5.39 -8.60
C GLN B 3 -32.11 -6.43 -9.01
N VAL B 4 -32.43 -7.70 -8.82
CA VAL B 4 -31.53 -8.81 -9.13
C VAL B 4 -30.96 -8.83 -10.55
N ASP B 5 -31.72 -8.25 -11.47
CA ASP B 5 -31.34 -8.18 -12.89
C ASP B 5 -30.18 -7.24 -13.19
N LYS B 6 -30.05 -6.20 -12.38
CA LYS B 6 -28.99 -5.21 -12.54
C LYS B 6 -28.59 -4.75 -11.13
N ILE B 7 -27.77 -5.58 -10.49
CA ILE B 7 -27.28 -5.32 -9.14
C ILE B 7 -26.27 -4.18 -9.09
N LYS B 8 -26.26 -3.42 -8.00
CA LYS B 8 -25.35 -2.30 -7.88
C LYS B 8 -24.37 -2.45 -6.70
N ALA B 9 -23.10 -2.14 -6.93
CA ALA B 9 -22.10 -2.20 -5.87
C ALA B 9 -22.13 -0.84 -5.16
N SER B 10 -21.25 -0.63 -4.17
CA SER B 10 -21.22 0.63 -3.41
C SER B 10 -21.44 1.84 -4.31
N TYR B 11 -20.89 1.78 -5.52
CA TYR B 11 -21.12 2.83 -6.50
C TYR B 11 -21.87 2.09 -7.60
N PRO B 12 -23.08 2.55 -7.96
CA PRO B 12 -23.87 3.69 -7.47
C PRO B 12 -24.82 3.42 -6.32
N LEU B 13 -24.80 2.21 -5.78
CA LEU B 13 -25.72 1.88 -4.70
C LEU B 13 -26.01 3.00 -3.70
N PHE B 14 -24.98 3.51 -3.05
CA PHE B 14 -25.21 4.54 -2.04
C PHE B 14 -25.66 5.91 -2.56
N LEU B 15 -25.94 6.00 -3.86
CA LEU B 15 -26.43 7.25 -4.44
C LEU B 15 -27.97 7.26 -4.44
N ASP B 16 -28.58 6.12 -4.13
CA ASP B 16 -30.04 6.03 -4.08
C ASP B 16 -30.55 6.99 -3.00
N GLN B 17 -31.69 7.62 -3.26
CA GLN B 17 -32.27 8.61 -2.33
C GLN B 17 -32.36 8.12 -0.89
N ASP B 18 -32.70 6.86 -0.69
CA ASP B 18 -32.79 6.31 0.66
C ASP B 18 -31.46 6.40 1.41
N TYR B 19 -30.34 6.16 0.72
CA TYR B 19 -29.02 6.25 1.36
C TYR B 19 -28.65 7.72 1.53
N LYS B 20 -28.93 8.53 0.52
CA LYS B 20 -28.63 9.95 0.64
C LYS B 20 -29.31 10.58 1.87
N ASP B 21 -30.59 10.29 2.09
CA ASP B 21 -31.29 10.89 3.24
C ASP B 21 -30.76 10.33 4.55
N MET B 22 -30.46 9.04 4.55
CA MET B 22 -29.93 8.40 5.75
C MET B 22 -28.59 9.02 6.11
N LEU B 23 -27.83 9.43 5.10
CA LEU B 23 -26.53 10.03 5.35
C LEU B 23 -26.68 11.51 5.73
N ALA B 24 -27.74 12.16 5.23
CA ALA B 24 -27.97 13.56 5.58
C ALA B 24 -28.32 13.65 7.07
N LYS B 25 -29.00 12.64 7.58
CA LYS B 25 -29.39 12.58 9.00
C LYS B 25 -28.19 12.34 9.89
N LYS B 26 -27.36 11.37 9.50
CA LYS B 26 -26.16 11.03 10.24
C LYS B 26 -25.33 12.29 10.41
N ARG B 27 -25.05 12.96 9.31
CA ARG B 27 -24.26 14.17 9.34
C ARG B 27 -24.88 15.27 10.18
N ASP B 28 -26.02 15.80 9.74
CA ASP B 28 -26.68 16.90 10.46
C ASP B 28 -26.89 16.72 11.95
N GLY B 29 -27.22 15.51 12.37
CA GLY B 29 -27.48 15.31 13.78
C GLY B 29 -26.38 14.85 14.72
N PHE B 30 -25.34 14.21 14.21
CA PHE B 30 -24.32 13.70 15.12
C PHE B 30 -22.85 13.97 14.83
N GLU B 31 -22.53 14.37 13.61
CA GLU B 31 -21.14 14.61 13.25
C GLU B 31 -20.63 16.00 13.60
N GLU B 32 -21.53 16.92 13.92
CA GLU B 32 -21.14 18.28 14.27
C GLU B 32 -20.13 18.72 13.23
N LYS B 33 -20.54 18.61 11.97
CA LYS B 33 -19.72 18.97 10.82
C LYS B 33 -19.69 20.48 10.64
N TYR B 34 -18.63 20.99 10.04
CA TYR B 34 -18.51 22.41 9.77
C TYR B 34 -19.45 22.72 8.62
N PRO B 35 -20.02 23.92 8.59
CA PRO B 35 -20.94 24.34 7.52
C PRO B 35 -20.28 24.10 6.16
N GLN B 36 -21.05 23.71 5.16
CA GLN B 36 -20.48 23.46 3.85
C GLN B 36 -19.82 24.70 3.28
N ASP B 37 -20.29 25.87 3.67
CA ASP B 37 -19.70 27.13 3.19
C ASP B 37 -18.31 27.36 3.76
N LYS B 38 -18.07 26.86 4.96
CA LYS B 38 -16.78 26.99 5.61
C LYS B 38 -15.82 26.04 4.90
N ILE B 39 -16.29 24.82 4.67
CA ILE B 39 -15.49 23.81 4.00
C ILE B 39 -15.03 24.27 2.62
N ASP B 40 -15.94 24.88 1.85
CA ASP B 40 -15.57 25.36 0.53
C ASP B 40 -14.58 26.51 0.70
N GLU B 41 -14.80 27.32 1.72
CA GLU B 41 -13.94 28.46 2.01
C GLU B 41 -12.51 28.00 2.26
N VAL B 42 -12.34 27.04 3.15
CA VAL B 42 -11.02 26.52 3.44
C VAL B 42 -10.42 25.84 2.22
N PHE B 43 -11.22 25.08 1.48
CA PHE B 43 -10.72 24.41 0.29
C PHE B 43 -10.17 25.41 -0.69
N GLN B 44 -10.94 26.46 -0.96
CA GLN B 44 -10.51 27.51 -1.88
C GLN B 44 -9.18 28.09 -1.41
N TRP B 45 -9.06 28.24 -0.10
CA TRP B 45 -7.83 28.74 0.49
C TRP B 45 -6.62 27.81 0.26
N THR B 46 -6.83 26.50 0.27
CA THR B 46 -5.72 25.58 0.07
C THR B 46 -5.24 25.50 -1.39
N THR B 47 -5.78 26.34 -2.26
CA THR B 47 -5.39 26.32 -3.67
C THR B 47 -4.69 27.62 -4.05
N THR B 48 -4.43 28.47 -3.06
CA THR B 48 -3.83 29.77 -3.30
C THR B 48 -2.31 29.87 -3.07
N LYS B 49 -1.79 31.02 -3.44
CA LYS B 49 -0.38 31.33 -3.27
C LYS B 49 -0.02 31.41 -1.79
N GLU B 50 -0.87 32.08 -1.02
CA GLU B 50 -0.61 32.24 0.40
C GLU B 50 -0.49 30.90 1.09
N TYR B 51 -1.32 29.94 0.71
CA TYR B 51 -1.26 28.64 1.33
C TYR B 51 0.00 27.90 0.90
N GLN B 52 0.44 28.13 -0.34
CA GLN B 52 1.62 27.49 -0.85
C GLN B 52 2.86 27.93 -0.08
N GLU B 53 3.01 29.23 0.09
CA GLU B 53 4.13 29.80 0.82
C GLU B 53 4.15 29.17 2.20
N LEU B 54 3.00 29.13 2.87
CA LEU B 54 2.88 28.52 4.19
C LEU B 54 3.20 27.03 4.14
N ASN B 55 2.68 26.36 3.12
CA ASN B 55 2.89 24.92 2.93
C ASN B 55 4.38 24.60 2.78
N PHE B 56 5.12 25.41 2.05
CA PHE B 56 6.54 25.17 1.83
C PHE B 56 7.45 25.49 3.03
N GLN B 57 6.90 26.13 4.05
CA GLN B 57 7.69 26.47 5.25
C GLN B 57 7.63 25.38 6.32
N ARG B 58 7.17 24.18 5.94
CA ARG B 58 7.11 23.06 6.87
C ARG B 58 8.51 22.53 7.15
N GLU B 59 8.76 22.10 8.38
CA GLU B 59 10.07 21.56 8.75
C GLU B 59 9.90 20.24 9.47
N ALA B 60 8.80 20.12 10.21
CA ALA B 60 8.54 18.92 10.98
C ALA B 60 7.50 17.99 10.37
N LEU B 61 6.58 18.55 9.61
CA LEU B 61 5.50 17.77 9.03
C LEU B 61 5.67 17.33 7.59
N THR B 62 5.46 16.03 7.38
CA THR B 62 5.51 15.44 6.04
C THR B 62 4.10 14.94 5.74
N VAL B 63 3.53 15.37 4.62
CA VAL B 63 2.19 14.96 4.25
C VAL B 63 2.21 14.30 2.88
N ASN B 64 1.82 13.05 2.82
CA ASN B 64 1.79 12.31 1.57
C ASN B 64 3.18 12.21 0.94
N PRO B 65 4.09 11.51 1.62
CA PRO B 65 5.46 11.33 1.11
C PRO B 65 5.47 10.54 -0.19
N ALA B 66 6.58 10.61 -0.92
CA ALA B 66 6.69 9.85 -2.15
C ALA B 66 7.88 8.90 -2.05
N LYS B 67 7.98 8.16 -0.96
CA LYS B 67 9.09 7.23 -0.79
C LYS B 67 8.78 6.20 0.29
N ALA B 68 9.35 5.01 0.16
CA ALA B 68 9.14 3.95 1.14
C ALA B 68 10.38 3.90 2.03
N CYS B 69 10.51 2.85 2.85
CA CYS B 69 11.67 2.73 3.73
C CYS B 69 12.66 1.67 3.23
N GLN B 70 13.93 1.87 3.57
CA GLN B 70 15.04 0.97 3.15
C GLN B 70 14.78 -0.52 3.01
N PRO B 71 14.40 -1.23 4.08
CA PRO B 71 14.18 -2.67 3.93
C PRO B 71 13.29 -3.12 2.75
N LEU B 72 12.43 -2.23 2.29
CA LEU B 72 11.56 -2.54 1.16
C LEU B 72 12.44 -2.80 -0.07
N GLY B 73 13.47 -1.97 -0.21
CA GLY B 73 14.39 -2.11 -1.32
C GLY B 73 15.23 -3.36 -1.20
N ALA B 74 15.71 -3.64 0.01
CA ALA B 74 16.53 -4.81 0.27
C ALA B 74 15.86 -6.07 -0.23
N VAL B 75 14.63 -6.28 0.23
CA VAL B 75 13.82 -7.44 -0.15
C VAL B 75 13.75 -7.64 -1.65
N LEU B 76 13.49 -6.56 -2.39
CA LEU B 76 13.40 -6.66 -3.86
C LEU B 76 14.72 -7.08 -4.50
N CYS B 77 15.83 -6.68 -3.89
CA CYS B 77 17.15 -7.03 -4.39
C CYS B 77 17.42 -8.51 -4.12
N ALA B 78 17.19 -8.90 -2.86
CA ALA B 78 17.40 -10.26 -2.40
C ALA B 78 16.63 -11.25 -3.28
N LEU B 79 15.37 -10.91 -3.53
CA LEU B 79 14.47 -11.73 -4.31
C LEU B 79 14.95 -12.02 -5.72
N GLY B 80 15.93 -11.25 -6.19
CA GLY B 80 16.45 -11.46 -7.53
C GLY B 80 17.54 -12.51 -7.70
N PHE B 81 17.89 -13.21 -6.61
CA PHE B 81 18.93 -14.23 -6.69
C PHE B 81 18.31 -15.61 -6.58
N GLU B 82 18.89 -16.58 -7.27
CA GLU B 82 18.38 -17.95 -7.28
C GLU B 82 18.14 -18.59 -5.91
N LYS B 83 16.94 -19.14 -5.77
CA LYS B 83 16.46 -19.83 -4.57
C LYS B 83 16.80 -19.18 -3.24
N THR B 84 16.94 -17.86 -3.21
CA THR B 84 17.25 -17.21 -1.95
C THR B 84 15.98 -16.69 -1.27
N MET B 85 16.01 -16.58 0.04
CA MET B 85 14.85 -16.14 0.80
C MET B 85 15.07 -14.82 1.53
N PRO B 86 14.46 -13.74 1.05
CA PRO B 86 14.65 -12.47 1.75
C PRO B 86 14.22 -12.66 3.19
N TYR B 87 15.11 -12.29 4.10
CA TYR B 87 14.87 -12.44 5.53
C TYR B 87 15.05 -11.06 6.16
N VAL B 88 14.14 -10.67 7.03
CA VAL B 88 14.27 -9.37 7.65
C VAL B 88 14.28 -9.49 9.16
N HIS B 89 15.38 -9.04 9.75
CA HIS B 89 15.60 -9.07 11.17
C HIS B 89 14.84 -7.92 11.84
N GLY B 90 13.74 -8.26 12.52
CA GLY B 90 12.96 -7.22 13.18
C GLY B 90 11.51 -7.61 13.39
N SER B 91 10.65 -6.59 13.56
CA SER B 91 9.23 -6.81 13.79
C SER B 91 8.52 -7.49 12.63
N GLN B 92 7.46 -8.23 12.95
CA GLN B 92 6.68 -8.93 11.95
C GLN B 92 5.89 -7.93 11.09
N GLY B 93 5.38 -6.89 11.75
CA GLY B 93 4.60 -5.87 11.07
C GLY B 93 5.18 -5.41 9.75
N CYS B 94 6.46 -5.04 9.75
CA CYS B 94 7.10 -4.57 8.51
C CYS B 94 6.94 -5.55 7.36
N VAL B 95 7.21 -6.82 7.61
CA VAL B 95 7.13 -7.80 6.54
C VAL B 95 5.71 -7.92 6.02
N ALA B 96 4.73 -7.87 6.93
CA ALA B 96 3.35 -7.95 6.50
C ALA B 96 3.20 -6.86 5.45
N TYR B 97 3.61 -5.64 5.78
CA TYR B 97 3.52 -4.50 4.85
C TYR B 97 4.38 -4.61 3.59
N PHE B 98 5.62 -5.11 3.70
CA PHE B 98 6.46 -5.23 2.49
C PHE B 98 5.80 -6.14 1.47
N ARG B 99 5.38 -7.32 1.90
CA ARG B 99 4.75 -8.27 0.98
C ARG B 99 3.46 -7.72 0.39
N SER B 100 2.64 -7.11 1.25
CA SER B 100 1.38 -6.53 0.82
C SER B 100 1.60 -5.41 -0.20
N TYR B 101 2.66 -4.63 0.00
CA TYR B 101 2.94 -3.54 -0.92
C TYR B 101 3.42 -4.04 -2.29
N PHE B 102 4.10 -5.18 -2.33
CA PHE B 102 4.54 -5.72 -3.61
C PHE B 102 3.43 -6.54 -4.26
N ASN B 103 2.63 -7.23 -3.45
CA ASN B 103 1.51 -8.01 -3.99
C ASN B 103 0.60 -7.09 -4.79
N ARG B 104 0.32 -5.92 -4.22
CA ARG B 104 -0.56 -4.97 -4.87
C ARG B 104 0.02 -4.45 -6.18
N HIS B 105 1.30 -4.12 -6.19
CA HIS B 105 1.90 -3.62 -7.43
C HIS B 105 2.18 -4.71 -8.48
N PHE B 106 2.61 -5.89 -8.05
CA PHE B 106 2.92 -6.96 -9.00
C PHE B 106 1.81 -7.98 -9.17
N ARG B 107 0.89 -8.01 -8.22
CA ARG B 107 -0.22 -8.97 -8.22
C ARG B 107 0.34 -10.36 -8.35
N GLU B 108 1.32 -10.65 -7.50
CA GLU B 108 1.99 -11.96 -7.48
C GLU B 108 2.41 -12.23 -6.04
N PRO B 109 2.67 -13.50 -5.70
CA PRO B 109 3.09 -13.82 -4.34
C PRO B 109 4.52 -13.31 -4.18
N VAL B 110 4.82 -12.81 -2.98
CA VAL B 110 6.13 -12.30 -2.65
C VAL B 110 6.64 -13.07 -1.44
N SER B 111 7.75 -13.79 -1.61
CA SER B 111 8.36 -14.57 -0.53
C SER B 111 9.19 -13.65 0.36
N CYS B 112 9.02 -13.75 1.66
CA CYS B 112 9.77 -12.92 2.59
C CYS B 112 9.43 -13.30 4.03
N VAL B 113 10.46 -13.48 4.84
CA VAL B 113 10.27 -13.88 6.24
C VAL B 113 10.78 -12.85 7.25
N SER B 114 10.30 -13.01 8.47
CA SER B 114 10.65 -12.15 9.59
C SER B 114 11.05 -13.08 10.73
N ASP B 115 11.75 -12.56 11.75
CA ASP B 115 12.10 -13.41 12.89
C ASP B 115 11.37 -12.82 14.09
N SER B 116 10.22 -12.23 13.78
CA SER B 116 9.32 -11.60 14.74
C SER B 116 9.89 -11.34 16.12
N MET B 117 10.62 -10.25 16.24
CA MET B 117 11.20 -9.86 17.51
C MET B 117 10.15 -9.07 18.27
N THR B 118 9.82 -9.52 19.47
CA THR B 118 8.81 -8.83 20.28
C THR B 118 9.44 -7.92 21.33
N GLU B 119 8.69 -7.72 22.41
CA GLU B 119 9.09 -6.87 23.54
C GLU B 119 10.33 -7.38 24.27
N ASP B 120 10.45 -8.70 24.42
CA ASP B 120 11.59 -9.27 25.12
C ASP B 120 12.91 -9.01 24.40
N ALA B 121 12.90 -9.05 23.08
CA ALA B 121 14.08 -8.81 22.28
C ALA B 121 14.48 -7.34 22.33
N ALA B 122 13.54 -6.51 22.77
CA ALA B 122 13.78 -5.08 22.87
C ALA B 122 14.75 -4.76 23.99
N VAL B 123 15.02 -5.73 24.86
CA VAL B 123 15.93 -5.49 25.96
C VAL B 123 17.12 -6.46 25.98
N PHE B 124 16.91 -7.69 25.52
CA PHE B 124 17.98 -8.67 25.48
C PHE B 124 18.51 -8.84 24.07
N GLY B 125 18.26 -7.86 23.21
CA GLY B 125 18.71 -7.96 21.82
C GLY B 125 17.95 -9.07 21.10
N GLY B 126 18.11 -9.16 19.78
CA GLY B 126 17.41 -10.18 19.03
C GLY B 126 18.27 -11.35 18.62
N GLN B 127 19.27 -11.67 19.43
CA GLN B 127 20.19 -12.77 19.15
C GLN B 127 19.48 -14.11 18.97
N GLN B 128 18.63 -14.49 19.93
CA GLN B 128 17.91 -15.77 19.87
C GLN B 128 17.03 -15.93 18.63
N ASN B 129 16.20 -14.92 18.36
CA ASN B 129 15.29 -14.95 17.22
C ASN B 129 16.05 -15.21 15.94
N MET B 130 17.26 -14.63 15.84
CA MET B 130 18.08 -14.82 14.66
C MET B 130 18.47 -16.29 14.55
N LYS B 131 18.70 -16.93 15.69
CA LYS B 131 19.08 -18.34 15.72
C LYS B 131 17.95 -19.25 15.25
N ASP B 132 16.84 -19.25 15.98
CA ASP B 132 15.70 -20.08 15.63
C ASP B 132 15.22 -19.71 14.22
N GLY B 133 15.09 -18.40 13.98
CA GLY B 133 14.65 -17.90 12.69
C GLY B 133 15.41 -18.46 11.50
N LEU B 134 16.75 -18.42 11.55
CA LEU B 134 17.53 -18.94 10.45
C LEU B 134 17.34 -20.44 10.28
N GLN B 135 17.20 -21.15 11.40
CA GLN B 135 17.03 -22.60 11.34
C GLN B 135 15.70 -23.02 10.74
N ASN B 136 14.60 -22.50 11.26
CA ASN B 136 13.26 -22.83 10.76
C ASN B 136 13.03 -22.43 9.30
N CYS B 137 13.61 -21.31 8.89
CA CYS B 137 13.47 -20.81 7.52
C CYS B 137 14.30 -21.67 6.56
N LYS B 138 15.45 -22.14 7.05
CA LYS B 138 16.33 -22.98 6.25
C LYS B 138 15.65 -24.34 6.08
N ALA B 139 14.89 -24.74 7.10
CA ALA B 139 14.19 -26.02 7.08
C ALA B 139 12.86 -25.97 6.36
N THR B 140 12.01 -25.07 6.80
CA THR B 140 10.68 -24.91 6.20
C THR B 140 10.69 -24.62 4.70
N TYR B 141 11.43 -23.59 4.29
CA TYR B 141 11.44 -23.20 2.88
C TYR B 141 12.61 -23.68 2.04
N LYS B 142 13.51 -24.43 2.66
CA LYS B 142 14.66 -25.00 1.97
C LYS B 142 15.25 -24.12 0.87
N PRO B 143 15.81 -22.96 1.26
CA PRO B 143 16.42 -22.02 0.30
C PRO B 143 17.88 -22.39 0.12
N ASP B 144 18.55 -21.74 -0.81
CA ASP B 144 19.99 -21.97 -1.03
C ASP B 144 20.78 -20.79 -0.51
N MET B 145 20.06 -19.72 -0.14
CA MET B 145 20.68 -18.51 0.37
C MET B 145 19.65 -17.68 1.13
N ILE B 146 20.07 -16.99 2.17
CA ILE B 146 19.15 -16.16 2.93
C ILE B 146 19.75 -14.77 3.08
N ALA B 147 19.19 -13.78 2.37
CA ALA B 147 19.69 -12.41 2.46
C ALA B 147 18.98 -11.71 3.61
N VAL B 148 19.75 -11.27 4.60
CA VAL B 148 19.22 -10.63 5.78
C VAL B 148 19.33 -9.10 5.75
N SER B 149 18.28 -8.45 6.24
CA SER B 149 18.22 -6.99 6.34
C SER B 149 17.59 -6.70 7.69
N THR B 150 17.37 -5.45 8.03
CA THR B 150 16.81 -5.16 9.34
C THR B 150 15.70 -4.11 9.38
N THR B 151 14.73 -4.31 10.27
CA THR B 151 13.66 -3.35 10.41
C THR B 151 14.22 -2.28 11.33
N CYS B 152 13.53 -1.16 11.48
CA CYS B 152 14.05 -0.08 12.30
C CYS B 152 14.18 -0.40 13.78
N MET B 153 13.42 -1.38 14.26
CA MET B 153 13.51 -1.72 15.68
C MET B 153 14.88 -2.30 15.99
N ALA B 154 15.33 -3.21 15.14
CA ALA B 154 16.63 -3.85 15.31
C ALA B 154 17.76 -2.84 15.20
N GLU B 155 17.58 -1.81 14.36
CA GLU B 155 18.61 -0.79 14.19
C GLU B 155 18.73 0.11 15.40
N VAL B 156 17.61 0.33 16.09
CA VAL B 156 17.59 1.19 17.27
C VAL B 156 18.27 0.55 18.48
N ILE B 157 17.95 -0.71 18.76
CA ILE B 157 18.59 -1.37 19.89
C ILE B 157 20.02 -1.74 19.46
N GLY B 158 20.27 -1.64 18.16
CA GLY B 158 21.58 -1.94 17.61
C GLY B 158 22.11 -3.34 17.72
N ASP B 159 21.55 -4.29 16.97
CA ASP B 159 22.01 -5.69 17.01
C ASP B 159 23.07 -5.91 15.93
N ASP B 160 24.15 -6.61 16.28
CA ASP B 160 25.20 -6.89 15.30
C ASP B 160 24.83 -8.08 14.41
N LEU B 161 24.49 -7.80 13.16
CA LEU B 161 24.11 -8.85 12.21
C LEU B 161 25.23 -9.84 11.93
N ASN B 162 26.46 -9.35 11.87
CA ASN B 162 27.58 -10.22 11.59
C ASN B 162 27.77 -11.27 12.68
N ALA B 163 27.93 -10.81 13.93
CA ALA B 163 28.12 -11.71 15.05
C ALA B 163 26.94 -12.69 15.16
N PHE B 164 25.74 -12.15 15.33
CA PHE B 164 24.52 -12.94 15.45
C PHE B 164 24.52 -14.09 14.43
N ILE B 165 24.80 -13.75 13.18
CA ILE B 165 24.83 -14.74 12.11
C ILE B 165 25.96 -15.76 12.27
N ASN B 166 27.06 -15.34 12.89
CA ASN B 166 28.17 -16.26 13.10
C ASN B 166 27.90 -17.17 14.29
N ASN B 167 27.35 -16.59 15.35
CA ASN B 167 27.02 -17.36 16.53
C ASN B 167 25.97 -18.42 16.18
N SER B 168 25.31 -18.24 15.04
CA SER B 168 24.29 -19.18 14.58
C SER B 168 24.96 -20.36 13.88
N LYS B 169 26.03 -20.07 13.16
CA LYS B 169 26.78 -21.12 12.47
C LYS B 169 27.62 -21.84 13.54
N LYS B 170 27.98 -21.09 14.58
CA LYS B 170 28.77 -21.61 15.68
C LYS B 170 28.02 -22.74 16.41
N GLU B 171 26.91 -22.39 17.06
CA GLU B 171 26.12 -23.38 17.78
C GLU B 171 25.50 -24.41 16.84
N GLY B 172 25.78 -24.27 15.54
CA GLY B 172 25.25 -25.20 14.56
C GLY B 172 23.76 -25.16 14.26
N PHE B 173 23.18 -23.97 14.19
CA PHE B 173 21.76 -23.87 13.89
C PHE B 173 21.57 -24.07 12.38
N ILE B 174 22.59 -23.67 11.62
CA ILE B 174 22.56 -23.84 10.17
C ILE B 174 23.98 -24.13 9.70
N PRO B 175 24.13 -24.94 8.65
CA PRO B 175 25.44 -25.29 8.10
C PRO B 175 26.41 -24.12 8.11
N ASP B 176 27.70 -24.41 7.97
CA ASP B 176 28.71 -23.37 7.99
C ASP B 176 28.87 -22.65 6.65
N GLU B 177 28.81 -23.44 5.57
CA GLU B 177 28.95 -22.91 4.23
C GLU B 177 27.66 -22.31 3.64
N PHE B 178 26.56 -22.40 4.36
CA PHE B 178 25.28 -21.86 3.89
C PHE B 178 25.30 -20.34 3.82
N PRO B 179 25.21 -19.77 2.60
CA PRO B 179 25.22 -18.33 2.34
C PRO B 179 24.22 -17.52 3.18
N VAL B 180 24.75 -16.59 3.97
CA VAL B 180 23.91 -15.76 4.79
C VAL B 180 24.41 -14.31 4.78
N PRO B 181 24.44 -13.70 3.60
CA PRO B 181 24.88 -12.30 3.46
C PRO B 181 23.91 -11.37 4.19
N PHE B 182 24.37 -10.20 4.58
CA PHE B 182 23.51 -9.28 5.30
C PHE B 182 23.79 -7.83 4.91
N ALA B 183 23.02 -6.93 5.50
CA ALA B 183 23.14 -5.51 5.26
C ALA B 183 22.24 -4.78 6.23
N HIS B 184 22.73 -3.66 6.77
CA HIS B 184 21.92 -2.85 7.67
C HIS B 184 21.14 -1.90 6.79
N THR B 185 19.82 -2.00 6.89
CA THR B 185 18.93 -1.18 6.08
C THR B 185 18.11 -0.25 7.00
N PRO B 186 18.76 0.80 7.53
CA PRO B 186 18.15 1.80 8.42
C PRO B 186 16.94 2.50 7.77
N SER B 187 15.75 2.27 8.29
CA SER B 187 14.58 2.89 7.71
C SER B 187 14.59 4.41 7.85
N PHE B 188 15.28 4.91 8.87
CA PHE B 188 15.36 6.35 9.07
C PHE B 188 16.53 7.01 8.32
N VAL B 189 16.98 6.37 7.24
CA VAL B 189 18.06 6.89 6.40
C VAL B 189 17.72 6.61 4.94
N GLY B 190 17.88 7.60 4.08
CA GLY B 190 17.58 7.41 2.68
C GLY B 190 16.16 6.94 2.43
N SER B 191 16.03 6.00 1.49
CA SER B 191 14.74 5.44 1.12
C SER B 191 14.89 4.03 0.55
N HIS B 192 13.79 3.47 0.06
CA HIS B 192 13.82 2.13 -0.49
C HIS B 192 14.93 1.82 -1.50
N VAL B 193 15.38 2.83 -2.27
CA VAL B 193 16.43 2.60 -3.27
C VAL B 193 17.80 2.39 -2.60
N THR B 194 18.01 3.12 -1.51
CA THR B 194 19.25 2.98 -0.75
C THR B 194 19.29 1.57 -0.20
N GLY B 195 18.09 1.08 0.17
CA GLY B 195 17.96 -0.25 0.71
C GLY B 195 18.45 -1.26 -0.31
N TRP B 196 18.04 -1.11 -1.56
CA TRP B 196 18.45 -2.03 -2.61
C TRP B 196 19.97 -1.95 -2.72
N ASP B 197 20.48 -0.74 -2.58
CA ASP B 197 21.92 -0.46 -2.66
C ASP B 197 22.70 -1.22 -1.57
N ASN B 198 22.33 -1.03 -0.31
CA ASN B 198 23.01 -1.70 0.79
C ASN B 198 22.90 -3.21 0.69
N MET B 199 21.75 -3.69 0.21
CA MET B 199 21.53 -5.12 0.10
C MET B 199 22.36 -5.77 -1.01
N PHE B 200 22.41 -5.13 -2.17
CA PHE B 200 23.18 -5.67 -3.28
C PHE B 200 24.66 -5.70 -2.95
N GLU B 201 25.14 -4.61 -2.37
CA GLU B 201 26.54 -4.49 -2.00
C GLU B 201 26.87 -5.56 -0.97
N GLY B 202 25.99 -5.72 0.02
CA GLY B 202 26.22 -6.72 1.04
C GLY B 202 26.30 -8.14 0.50
N ILE B 203 25.68 -8.37 -0.66
CA ILE B 203 25.69 -9.70 -1.26
C ILE B 203 26.90 -9.87 -2.16
N ALA B 204 27.34 -8.77 -2.75
CA ALA B 204 28.51 -8.79 -3.62
C ALA B 204 29.76 -9.08 -2.79
N ARG B 205 29.84 -8.47 -1.61
CA ARG B 205 31.00 -8.68 -0.73
C ARG B 205 31.07 -10.11 -0.25
N TYR B 206 29.96 -10.60 0.28
CA TYR B 206 29.89 -11.96 0.80
C TYR B 206 30.46 -13.02 -0.14
N PHE B 207 30.18 -12.89 -1.44
CA PHE B 207 30.64 -13.85 -2.44
C PHE B 207 31.96 -13.47 -3.10
N THR B 208 32.42 -12.25 -2.90
CA THR B 208 33.64 -11.79 -3.54
C THR B 208 34.78 -11.31 -2.65
N LEU B 209 34.46 -10.49 -1.65
CA LEU B 209 35.46 -9.93 -0.75
C LEU B 209 36.72 -10.76 -0.51
N LYS B 210 36.57 -11.90 0.16
CA LYS B 210 37.72 -12.76 0.46
C LYS B 210 37.99 -13.87 -0.55
N SER B 211 38.52 -13.49 -1.72
CA SER B 211 38.84 -14.43 -2.79
C SER B 211 39.13 -13.65 -4.06
N MET B 212 39.62 -12.43 -3.89
CA MET B 212 39.95 -11.53 -4.98
C MET B 212 41.28 -11.76 -5.69
N ASP B 213 42.16 -12.59 -5.13
CA ASP B 213 43.46 -12.82 -5.74
C ASP B 213 43.44 -13.80 -6.92
N ASP B 214 42.33 -14.51 -7.07
CA ASP B 214 42.16 -15.47 -8.17
C ASP B 214 41.43 -14.84 -9.35
N LYS B 215 40.96 -13.61 -9.18
CA LYS B 215 40.21 -12.94 -10.24
C LYS B 215 41.07 -12.12 -11.19
N VAL B 216 40.60 -12.03 -12.43
CA VAL B 216 41.28 -11.28 -13.49
C VAL B 216 40.28 -10.50 -14.34
N VAL B 217 40.42 -9.18 -14.38
CA VAL B 217 39.51 -8.32 -15.15
C VAL B 217 39.51 -8.65 -16.64
N GLY B 218 38.57 -9.50 -17.06
CA GLY B 218 38.48 -9.88 -18.46
C GLY B 218 38.28 -11.38 -18.64
N SER B 219 38.67 -12.13 -17.62
CA SER B 219 38.56 -13.58 -17.61
C SER B 219 37.32 -14.17 -18.31
N ASN B 220 36.12 -13.94 -17.76
CA ASN B 220 34.91 -14.51 -18.37
C ASN B 220 34.37 -13.78 -19.61
N LYS B 221 35.01 -12.67 -19.96
CA LYS B 221 34.61 -11.90 -21.14
C LYS B 221 33.14 -11.46 -21.17
N LYS B 222 32.57 -11.18 -20.00
CA LYS B 222 31.19 -10.73 -19.91
C LYS B 222 31.14 -9.30 -19.38
N ILE B 223 29.95 -8.75 -19.30
CA ILE B 223 29.75 -7.40 -18.77
C ILE B 223 28.71 -7.49 -17.67
N ASN B 224 29.07 -7.06 -16.46
CA ASN B 224 28.12 -7.08 -15.36
C ASN B 224 27.08 -5.98 -15.52
N ILE B 225 25.82 -6.33 -15.29
CA ILE B 225 24.73 -5.39 -15.38
C ILE B 225 24.04 -5.33 -14.01
N VAL B 226 24.01 -4.14 -13.42
CA VAL B 226 23.35 -3.97 -12.13
C VAL B 226 22.15 -3.06 -12.39
N PRO B 227 20.95 -3.63 -12.36
CA PRO B 227 19.68 -2.93 -12.59
C PRO B 227 19.27 -1.84 -11.60
N GLY B 228 19.35 -2.15 -10.31
CA GLY B 228 18.93 -1.18 -9.32
C GLY B 228 17.49 -1.50 -9.00
N PHE B 229 16.84 -0.64 -8.24
CA PHE B 229 15.45 -0.86 -7.88
C PHE B 229 14.58 -0.68 -9.12
N GLU B 230 14.21 -1.81 -9.72
CA GLU B 230 13.39 -1.83 -10.92
C GLU B 230 12.04 -2.52 -10.65
N THR B 231 10.95 -1.82 -10.94
CA THR B 231 9.63 -2.39 -10.72
C THR B 231 8.86 -2.66 -12.01
N TYR B 232 9.53 -2.51 -13.14
CA TYR B 232 8.93 -2.76 -14.45
C TYR B 232 9.65 -3.99 -15.01
N LEU B 233 8.94 -5.10 -15.11
CA LEU B 233 9.53 -6.34 -15.59
C LEU B 233 10.06 -6.19 -17.00
N GLY B 234 9.45 -5.28 -17.76
CA GLY B 234 9.90 -5.08 -19.12
C GLY B 234 11.29 -4.51 -19.23
N ASN B 235 11.80 -3.92 -18.15
CA ASN B 235 13.14 -3.35 -18.19
C ASN B 235 14.23 -4.40 -18.10
N PHE B 236 14.03 -5.44 -17.29
CA PHE B 236 15.02 -6.51 -17.19
C PHE B 236 15.07 -7.21 -18.53
N ARG B 237 13.91 -7.41 -19.13
CA ARG B 237 13.81 -8.09 -20.42
C ARG B 237 14.41 -7.29 -21.58
N VAL B 238 14.07 -6.01 -21.67
CA VAL B 238 14.56 -5.18 -22.76
C VAL B 238 16.08 -5.06 -22.80
N ILE B 239 16.70 -4.98 -21.65
CA ILE B 239 18.16 -4.84 -21.61
C ILE B 239 18.85 -6.15 -21.99
N LYS B 240 18.30 -7.27 -21.54
CA LYS B 240 18.86 -8.57 -21.89
C LYS B 240 18.68 -8.81 -23.37
N ARG B 241 17.56 -8.32 -23.90
CA ARG B 241 17.26 -8.51 -25.32
C ARG B 241 18.21 -7.73 -26.22
N MET B 242 18.65 -6.55 -25.80
CA MET B 242 19.55 -5.75 -26.61
C MET B 242 21.00 -6.23 -26.55
N LEU B 243 21.44 -6.67 -25.37
CA LEU B 243 22.80 -7.15 -25.24
C LEU B 243 22.92 -8.40 -26.09
N SER B 244 21.93 -9.27 -25.97
CA SER B 244 21.89 -10.52 -26.73
C SER B 244 21.78 -10.25 -28.23
N GLU B 245 21.37 -9.05 -28.59
CA GLU B 245 21.20 -8.69 -29.99
C GLU B 245 22.52 -8.16 -30.58
N MET B 246 23.44 -7.77 -29.69
CA MET B 246 24.74 -7.26 -30.10
C MET B 246 25.79 -8.36 -29.98
N GLY B 247 25.41 -9.47 -29.37
CA GLY B 247 26.33 -10.58 -29.22
C GLY B 247 27.25 -10.39 -28.02
N VAL B 248 26.84 -9.52 -27.10
CA VAL B 248 27.61 -9.23 -25.90
C VAL B 248 27.27 -10.20 -24.78
N GLY B 249 28.30 -10.84 -24.22
CA GLY B 249 28.06 -11.77 -23.12
C GLY B 249 27.79 -10.94 -21.88
N TYR B 250 26.88 -11.38 -21.03
CA TYR B 250 26.57 -10.60 -19.84
C TYR B 250 26.08 -11.41 -18.66
N SER B 251 26.04 -10.76 -17.51
CA SER B 251 25.56 -11.35 -16.26
C SER B 251 24.72 -10.30 -15.55
N LEU B 252 23.41 -10.46 -15.60
CA LEU B 252 22.50 -9.53 -14.95
C LEU B 252 22.49 -9.87 -13.45
N LEU B 253 23.18 -9.07 -12.65
CA LEU B 253 23.25 -9.33 -11.22
C LEU B 253 21.97 -8.84 -10.53
N SER B 254 21.13 -9.81 -10.16
CA SER B 254 19.84 -9.59 -9.50
C SER B 254 18.78 -9.50 -10.59
N ASP B 255 18.04 -10.60 -10.79
CA ASP B 255 17.00 -10.67 -11.81
C ASP B 255 15.71 -11.30 -11.29
N PRO B 256 14.83 -10.47 -10.71
CA PRO B 256 13.58 -11.01 -10.18
C PRO B 256 12.47 -11.21 -11.23
N GLU B 257 12.78 -10.94 -12.49
CA GLU B 257 11.78 -11.07 -13.54
C GLU B 257 11.04 -12.38 -13.49
N GLU B 258 11.75 -13.47 -13.17
CA GLU B 258 11.14 -14.79 -13.12
C GLU B 258 10.15 -15.06 -11.99
N VAL B 259 10.50 -14.73 -10.75
CA VAL B 259 9.58 -14.98 -9.63
C VAL B 259 8.43 -14.00 -9.58
N LEU B 260 8.62 -12.82 -10.19
CA LEU B 260 7.59 -11.81 -10.20
C LEU B 260 6.63 -11.97 -11.37
N ASP B 261 6.79 -13.05 -12.10
CA ASP B 261 5.92 -13.31 -13.23
C ASP B 261 5.87 -14.80 -13.52
N THR B 262 5.46 -15.58 -12.52
CA THR B 262 5.36 -17.04 -12.66
C THR B 262 4.06 -17.44 -13.35
N PRO B 263 4.12 -18.45 -14.23
CA PRO B 263 2.95 -18.95 -14.96
C PRO B 263 1.86 -19.49 -14.05
N ALA B 264 0.63 -19.51 -14.54
CA ALA B 264 -0.49 -20.01 -13.74
C ALA B 264 -0.94 -21.35 -14.31
N ASP B 265 -0.61 -22.43 -13.61
CA ASP B 265 -1.00 -23.75 -14.05
C ASP B 265 -1.27 -24.73 -12.90
N GLY B 266 -1.82 -24.21 -11.80
CA GLY B 266 -2.13 -25.04 -10.66
C GLY B 266 -1.04 -25.23 -9.63
N GLN B 267 0.20 -24.91 -10.00
CA GLN B 267 1.34 -25.06 -9.09
C GLN B 267 1.92 -23.75 -8.58
N PHE B 268 2.12 -23.65 -7.27
CA PHE B 268 2.72 -22.45 -6.71
C PHE B 268 4.23 -22.63 -6.64
N ARG B 269 4.96 -21.79 -7.37
CA ARG B 269 6.42 -21.84 -7.38
C ARG B 269 6.98 -20.69 -6.55
N MET B 270 7.55 -21.03 -5.40
CA MET B 270 8.14 -20.04 -4.51
C MET B 270 9.42 -19.43 -5.06
N TYR B 271 10.21 -20.24 -5.76
CA TYR B 271 11.46 -19.75 -6.33
C TYR B 271 11.41 -19.88 -7.83
N ALA B 272 12.09 -18.98 -8.53
CA ALA B 272 12.11 -19.01 -9.98
C ALA B 272 13.22 -18.13 -10.55
N GLY B 273 14.05 -18.74 -11.41
CA GLY B 273 15.14 -18.04 -12.05
C GLY B 273 16.02 -17.27 -11.08
N GLY B 274 16.48 -16.10 -11.51
CA GLY B 274 17.33 -15.29 -10.66
C GLY B 274 18.81 -15.51 -10.91
N THR B 275 19.62 -14.65 -10.30
CA THR B 275 21.08 -14.71 -10.42
C THR B 275 21.64 -15.86 -9.60
N THR B 276 22.29 -16.80 -10.27
CA THR B 276 22.88 -17.94 -9.59
C THR B 276 24.07 -17.52 -8.74
N GLN B 277 24.47 -18.36 -7.79
CA GLN B 277 25.62 -18.03 -6.94
C GLN B 277 26.89 -17.97 -7.77
N GLU B 278 27.02 -18.89 -8.72
CA GLU B 278 28.20 -18.94 -9.57
C GLU B 278 28.43 -17.61 -10.29
N GLU B 279 27.38 -17.07 -10.94
CA GLU B 279 27.49 -15.80 -11.65
C GLU B 279 27.99 -14.69 -10.75
N MET B 280 27.64 -14.77 -9.46
CA MET B 280 28.04 -13.77 -8.50
C MET B 280 29.51 -13.92 -8.11
N LYS B 281 29.94 -15.16 -7.84
CA LYS B 281 31.32 -15.43 -7.47
C LYS B 281 32.26 -15.06 -8.61
N ASP B 282 31.80 -15.26 -9.85
CA ASP B 282 32.59 -14.97 -11.04
C ASP B 282 32.45 -13.54 -11.58
N ALA B 283 31.67 -12.72 -10.90
CA ALA B 283 31.44 -11.34 -11.33
C ALA B 283 32.69 -10.50 -11.51
N PRO B 284 33.71 -10.69 -10.66
CA PRO B 284 34.94 -9.90 -10.81
C PRO B 284 35.70 -10.16 -12.11
N ASN B 285 35.57 -11.37 -12.64
CA ASN B 285 36.26 -11.72 -13.88
C ASN B 285 35.67 -11.02 -15.11
N ALA B 286 34.74 -10.09 -14.89
CA ALA B 286 34.10 -9.39 -15.99
C ALA B 286 34.94 -8.26 -16.59
N LEU B 287 34.65 -7.92 -17.85
CA LEU B 287 35.37 -6.84 -18.52
C LEU B 287 35.16 -5.55 -17.74
N ASN B 288 33.90 -5.27 -17.43
CA ASN B 288 33.56 -4.07 -16.68
C ASN B 288 32.20 -4.28 -16.05
N THR B 289 31.66 -3.23 -15.45
CA THR B 289 30.36 -3.29 -14.82
C THR B 289 29.60 -2.00 -15.09
N VAL B 290 28.36 -2.12 -15.56
CA VAL B 290 27.53 -0.96 -15.83
C VAL B 290 26.41 -0.88 -14.80
N LEU B 291 26.17 0.32 -14.29
CA LEU B 291 25.14 0.52 -13.28
C LEU B 291 23.97 1.27 -13.93
N LEU B 292 22.89 0.55 -14.22
CA LEU B 292 21.73 1.13 -14.86
C LEU B 292 21.15 2.34 -14.16
N GLN B 293 21.21 2.37 -12.84
CA GLN B 293 20.66 3.52 -12.11
C GLN B 293 21.68 4.01 -11.08
N PRO B 294 22.73 4.71 -11.57
CA PRO B 294 23.81 5.27 -10.78
C PRO B 294 23.44 6.06 -9.53
N TRP B 295 22.56 7.04 -9.67
CA TRP B 295 22.22 7.85 -8.51
C TRP B 295 21.84 7.12 -7.24
N HIS B 296 21.48 5.85 -7.32
CA HIS B 296 21.20 5.10 -6.10
C HIS B 296 22.02 3.82 -5.99
N LEU B 297 23.12 3.76 -6.72
CA LEU B 297 24.01 2.60 -6.68
C LEU B 297 25.44 3.08 -6.39
N GLU B 298 25.53 4.08 -5.52
CA GLU B 298 26.81 4.64 -5.14
C GLU B 298 27.67 3.74 -4.25
N LYS B 299 27.07 3.16 -3.21
CA LYS B 299 27.80 2.28 -2.31
C LYS B 299 28.31 1.08 -3.11
N THR B 300 27.51 0.64 -4.05
CA THR B 300 27.86 -0.48 -4.90
C THR B 300 29.01 -0.08 -5.81
N LYS B 301 28.99 1.17 -6.25
CA LYS B 301 30.02 1.70 -7.12
C LYS B 301 31.37 1.64 -6.41
N LYS B 302 31.45 2.22 -5.21
CA LYS B 302 32.67 2.23 -4.42
C LYS B 302 33.29 0.83 -4.32
N PHE B 303 32.47 -0.16 -4.02
CA PHE B 303 32.94 -1.53 -3.90
C PHE B 303 33.37 -2.18 -5.21
N VAL B 304 32.66 -1.87 -6.29
CA VAL B 304 33.01 -2.44 -7.59
C VAL B 304 34.31 -1.86 -8.10
N GLU B 305 34.58 -0.60 -7.74
CA GLU B 305 35.80 0.06 -8.19
C GLU B 305 37.00 -0.16 -7.28
N GLY B 306 36.77 -0.25 -5.97
CA GLY B 306 37.87 -0.44 -5.04
C GLY B 306 38.11 -1.87 -4.61
N THR B 307 37.60 -2.83 -5.37
CA THR B 307 37.78 -4.23 -5.01
C THR B 307 37.82 -5.12 -6.23
N TRP B 308 37.05 -4.76 -7.25
CA TRP B 308 36.99 -5.54 -8.49
C TRP B 308 37.85 -4.86 -9.56
N LYS B 309 38.25 -3.63 -9.29
CA LYS B 309 39.08 -2.83 -10.20
C LYS B 309 38.45 -2.57 -11.58
N HIS B 310 37.15 -2.32 -11.59
CA HIS B 310 36.44 -2.05 -12.84
C HIS B 310 36.28 -0.55 -13.02
N GLU B 311 36.54 -0.07 -14.22
CA GLU B 311 36.43 1.34 -14.54
C GLU B 311 34.99 1.64 -14.91
N VAL B 312 34.08 1.41 -13.96
CA VAL B 312 32.67 1.64 -14.19
C VAL B 312 32.45 2.94 -14.96
N PRO B 313 31.84 2.84 -16.14
CA PRO B 313 31.58 4.01 -16.99
C PRO B 313 30.58 4.96 -16.33
N LYS B 314 30.67 6.25 -16.66
CA LYS B 314 29.73 7.20 -16.11
C LYS B 314 28.59 7.32 -17.11
N LEU B 315 27.57 6.50 -16.92
CA LEU B 315 26.42 6.52 -17.80
C LEU B 315 25.14 6.82 -17.03
N ASN B 316 24.24 7.56 -17.67
CA ASN B 316 22.95 7.87 -17.07
C ASN B 316 22.11 6.64 -17.37
N ILE B 317 20.96 6.54 -16.73
CA ILE B 317 20.05 5.42 -16.94
C ILE B 317 19.74 5.43 -18.44
N PRO B 318 19.71 4.26 -19.10
CA PRO B 318 19.42 4.25 -20.55
C PRO B 318 17.95 4.46 -20.91
N MET B 319 17.49 5.70 -20.75
CA MET B 319 16.11 6.07 -21.07
C MET B 319 16.16 7.16 -22.12
N GLY B 320 15.19 7.13 -23.03
CA GLY B 320 15.15 8.14 -24.07
C GLY B 320 16.11 7.78 -25.20
N LEU B 321 16.21 8.69 -26.17
CA LEU B 321 17.04 8.48 -27.32
C LEU B 321 18.54 8.57 -27.02
N ASP B 322 19.01 9.77 -26.70
CA ASP B 322 20.42 9.99 -26.42
C ASP B 322 21.06 9.04 -25.40
N TRP B 323 20.49 8.92 -24.21
CA TRP B 323 21.08 8.06 -23.21
C TRP B 323 21.09 6.59 -23.59
N THR B 324 20.22 6.18 -24.50
CA THR B 324 20.23 4.79 -24.93
C THR B 324 21.34 4.67 -25.97
N ASP B 325 21.61 5.79 -26.65
CA ASP B 325 22.68 5.85 -27.66
C ASP B 325 23.99 5.63 -26.93
N GLU B 326 24.24 6.45 -25.92
CA GLU B 326 25.46 6.39 -25.12
C GLU B 326 25.67 5.04 -24.47
N PHE B 327 24.61 4.51 -23.86
CA PHE B 327 24.69 3.22 -23.20
C PHE B 327 25.12 2.16 -24.21
N LEU B 328 24.56 2.26 -25.41
CA LEU B 328 24.83 1.32 -26.49
C LEU B 328 26.23 1.47 -27.06
N MET B 329 26.68 2.70 -27.23
CA MET B 329 28.00 2.97 -27.77
C MET B 329 29.09 2.54 -26.80
N LYS B 330 28.85 2.76 -25.51
CA LYS B 330 29.81 2.41 -24.47
C LYS B 330 29.89 0.90 -24.26
N VAL B 331 28.80 0.20 -24.58
CA VAL B 331 28.78 -1.26 -24.44
C VAL B 331 29.48 -1.87 -25.64
N SER B 332 29.46 -1.14 -26.75
CA SER B 332 30.11 -1.60 -27.97
C SER B 332 31.62 -1.44 -27.82
N GLU B 333 32.00 -0.34 -27.18
CA GLU B 333 33.41 -0.01 -26.93
C GLU B 333 34.08 -0.91 -25.88
N ILE B 334 33.29 -1.40 -24.93
CA ILE B 334 33.79 -2.25 -23.85
C ILE B 334 33.88 -3.74 -24.19
N SER B 335 33.07 -4.19 -25.15
CA SER B 335 33.07 -5.59 -25.53
C SER B 335 33.58 -5.78 -26.96
N GLY B 336 33.74 -4.69 -27.69
CA GLY B 336 34.21 -4.76 -29.06
C GLY B 336 33.12 -5.07 -30.07
N GLN B 337 31.99 -5.56 -29.58
CA GLN B 337 30.86 -5.88 -30.44
C GLN B 337 30.25 -4.63 -31.05
N PRO B 338 30.05 -4.61 -32.37
CA PRO B 338 29.48 -3.42 -33.00
C PRO B 338 27.95 -3.37 -32.80
N ILE B 339 27.36 -2.22 -33.09
CA ILE B 339 25.92 -2.06 -32.97
C ILE B 339 25.31 -2.72 -34.22
N PRO B 340 24.46 -3.75 -34.03
CA PRO B 340 23.84 -4.45 -35.17
C PRO B 340 22.83 -3.58 -35.94
N ALA B 341 22.60 -3.94 -37.20
CA ALA B 341 21.68 -3.19 -38.04
C ALA B 341 20.28 -3.07 -37.42
N SER B 342 19.85 -4.12 -36.73
CA SER B 342 18.54 -4.14 -36.11
C SER B 342 18.34 -3.03 -35.08
N LEU B 343 19.34 -2.82 -34.22
CA LEU B 343 19.27 -1.78 -33.19
C LEU B 343 19.27 -0.38 -33.81
N THR B 344 19.87 -0.26 -34.99
CA THR B 344 19.92 1.02 -35.69
C THR B 344 18.55 1.30 -36.30
N LYS B 345 17.87 0.24 -36.71
CA LYS B 345 16.56 0.37 -37.30
C LYS B 345 15.56 0.72 -36.19
N GLU B 346 15.69 0.04 -35.05
CA GLU B 346 14.82 0.31 -33.92
C GLU B 346 14.99 1.75 -33.46
N ARG B 347 16.21 2.27 -33.52
CA ARG B 347 16.44 3.65 -33.12
C ARG B 347 15.71 4.55 -34.11
N GLY B 348 15.68 4.12 -35.36
CA GLY B 348 15.02 4.90 -36.39
C GLY B 348 13.51 4.90 -36.29
N ARG B 349 12.94 3.80 -35.79
CA ARG B 349 11.50 3.70 -35.68
C ARG B 349 11.02 4.57 -34.51
N LEU B 350 11.89 4.76 -33.51
CA LEU B 350 11.54 5.62 -32.37
C LEU B 350 11.55 7.06 -32.83
N VAL B 351 12.52 7.42 -33.67
CA VAL B 351 12.65 8.76 -34.20
C VAL B 351 11.49 9.02 -35.14
N ASP B 352 11.02 7.95 -35.77
CA ASP B 352 9.89 8.06 -36.67
C ASP B 352 8.65 8.44 -35.86
N MET B 353 8.43 7.73 -34.76
CA MET B 353 7.29 7.97 -33.89
C MET B 353 7.37 9.36 -33.27
N MET B 354 8.57 9.79 -32.90
CA MET B 354 8.73 11.09 -32.31
C MET B 354 8.28 12.16 -33.30
N THR B 355 8.62 11.99 -34.58
CA THR B 355 8.24 12.98 -35.58
C THR B 355 6.77 12.84 -35.96
N ASP B 356 6.21 11.65 -35.82
CA ASP B 356 4.79 11.46 -36.14
C ASP B 356 3.90 12.10 -35.09
N SER B 357 4.43 12.23 -33.86
CA SER B 357 3.66 12.75 -32.74
C SER B 357 4.07 14.09 -32.15
N HIS B 358 5.17 14.65 -32.62
CA HIS B 358 5.65 15.91 -32.07
C HIS B 358 4.66 17.09 -32.03
N THR B 359 3.72 17.19 -32.95
CA THR B 359 2.80 18.32 -32.92
C THR B 359 1.84 18.30 -31.74
N TRP B 360 1.67 17.14 -31.13
CA TRP B 360 0.77 17.03 -29.97
C TRP B 360 1.53 17.12 -28.65
N LEU B 361 2.81 16.77 -28.70
CA LEU B 361 3.65 16.76 -27.51
C LEU B 361 4.37 18.07 -27.21
N HIS B 362 4.64 18.83 -28.26
CA HIS B 362 5.35 20.09 -28.13
C HIS B 362 4.67 21.13 -27.25
N GLY B 363 5.41 21.61 -26.26
CA GLY B 363 4.91 22.66 -25.38
C GLY B 363 3.97 22.23 -24.26
N LYS B 364 3.75 20.92 -24.12
CA LYS B 364 2.88 20.41 -23.08
C LYS B 364 3.66 20.48 -21.78
N ARG B 365 3.02 21.03 -20.76
CA ARG B 365 3.64 21.21 -19.45
C ARG B 365 3.37 20.01 -18.57
N PHE B 366 4.43 19.47 -17.98
CA PHE B 366 4.30 18.31 -17.15
C PHE B 366 4.89 18.47 -15.76
N ALA B 367 4.25 17.84 -14.79
CA ALA B 367 4.73 17.84 -13.42
C ALA B 367 5.08 16.38 -13.24
N LEU B 368 6.16 16.07 -12.53
CA LEU B 368 6.47 14.67 -12.34
C LEU B 368 7.21 14.39 -11.07
N TRP B 369 7.24 13.12 -10.67
CA TRP B 369 7.94 12.72 -9.48
C TRP B 369 8.18 11.22 -9.55
N GLY B 370 9.03 10.73 -8.65
CA GLY B 370 9.40 9.32 -8.62
C GLY B 370 10.82 9.21 -8.08
N ASP B 371 11.53 8.16 -8.46
CA ASP B 371 12.90 7.98 -7.99
C ASP B 371 13.90 8.78 -8.84
N PRO B 372 15.05 9.14 -8.24
CA PRO B 372 16.09 9.92 -8.92
C PRO B 372 16.45 9.58 -10.36
N ASP B 373 16.85 8.35 -10.62
CA ASP B 373 17.23 7.99 -11.98
C ASP B 373 16.03 8.03 -12.91
N PHE B 374 14.94 7.41 -12.48
CA PHE B 374 13.75 7.38 -13.29
C PHE B 374 13.32 8.82 -13.66
N VAL B 375 13.27 9.69 -12.66
CA VAL B 375 12.88 11.06 -12.92
C VAL B 375 13.80 11.77 -13.91
N MET B 376 15.11 11.78 -13.68
CA MET B 376 15.96 12.49 -14.64
C MET B 376 15.88 11.86 -16.01
N GLY B 377 15.75 10.54 -16.08
CA GLY B 377 15.63 9.91 -17.38
C GLY B 377 14.37 10.39 -18.11
N LEU B 378 13.30 10.50 -17.35
CA LEU B 378 12.02 10.93 -17.91
C LEU B 378 12.10 12.41 -18.27
N VAL B 379 12.89 13.17 -17.52
CA VAL B 379 13.05 14.60 -17.78
C VAL B 379 13.81 14.75 -19.10
N LYS B 380 14.91 14.00 -19.24
CA LYS B 380 15.71 14.03 -20.45
C LYS B 380 14.79 13.75 -21.64
N PHE B 381 14.01 12.69 -21.52
CA PHE B 381 13.12 12.31 -22.60
C PHE B 381 12.07 13.38 -22.92
N LEU B 382 11.38 13.89 -21.89
CA LEU B 382 10.37 14.93 -22.13
C LEU B 382 10.97 16.08 -22.93
N LEU B 383 12.23 16.40 -22.64
CA LEU B 383 12.93 17.49 -23.33
C LEU B 383 13.21 17.15 -24.80
N GLU B 384 13.61 15.90 -25.07
CA GLU B 384 13.90 15.47 -26.43
C GLU B 384 12.66 15.57 -27.30
N LEU B 385 11.49 15.50 -26.65
CA LEU B 385 10.22 15.55 -27.37
C LEU B 385 9.69 16.97 -27.52
N GLY B 386 10.39 17.95 -26.94
CA GLY B 386 9.93 19.33 -27.03
C GLY B 386 8.91 19.72 -25.96
N CYS B 387 8.77 18.89 -24.94
CA CYS B 387 7.84 19.15 -23.84
C CYS B 387 8.47 20.03 -22.77
N GLU B 388 7.63 20.63 -21.94
CA GLU B 388 8.08 21.51 -20.87
C GLU B 388 7.98 20.94 -19.46
N PRO B 389 9.07 20.40 -18.92
CA PRO B 389 8.94 19.88 -17.56
C PRO B 389 8.72 21.17 -16.76
N VAL B 390 7.87 21.16 -15.74
CA VAL B 390 7.63 22.38 -14.97
C VAL B 390 7.91 22.18 -13.50
N HIS B 391 7.39 21.11 -12.93
CA HIS B 391 7.59 20.81 -11.52
C HIS B 391 8.22 19.43 -11.44
N ILE B 392 9.51 19.37 -11.20
CA ILE B 392 10.18 18.10 -11.09
C ILE B 392 10.39 17.90 -9.61
N LEU B 393 9.88 16.81 -9.09
CA LEU B 393 10.00 16.56 -7.68
C LEU B 393 10.54 15.17 -7.40
N CYS B 394 11.41 15.09 -6.41
CA CYS B 394 12.00 13.82 -6.03
C CYS B 394 12.19 13.88 -4.53
N HIS B 395 11.26 13.26 -3.81
CA HIS B 395 11.28 13.26 -2.37
C HIS B 395 12.59 12.75 -1.78
N ASN B 396 13.06 11.60 -2.28
CA ASN B 396 14.30 10.99 -1.82
C ASN B 396 15.53 11.44 -2.63
N GLY B 397 15.57 12.72 -3.01
CA GLY B 397 16.68 13.24 -3.80
C GLY B 397 17.71 14.01 -2.97
N ASN B 398 18.82 14.40 -3.60
CA ASN B 398 19.86 15.15 -2.91
C ASN B 398 20.31 16.36 -3.72
N LYS B 399 21.13 17.22 -3.11
CA LYS B 399 21.63 18.42 -3.79
C LYS B 399 22.51 18.21 -5.02
N ARG B 400 23.31 17.14 -5.02
CA ARG B 400 24.17 16.84 -6.16
C ARG B 400 23.28 16.43 -7.31
N TRP B 401 22.36 15.52 -7.01
CA TRP B 401 21.41 15.03 -8.00
C TRP B 401 20.66 16.20 -8.61
N LYS B 402 20.23 17.14 -7.77
CA LYS B 402 19.50 18.31 -8.25
C LYS B 402 20.33 19.18 -9.19
N LYS B 403 21.64 19.31 -8.95
CA LYS B 403 22.48 20.12 -9.85
C LYS B 403 22.57 19.42 -11.20
N ALA B 404 22.69 18.09 -11.16
CA ALA B 404 22.77 17.29 -12.38
C ALA B 404 21.53 17.52 -13.24
N VAL B 405 20.37 17.55 -12.61
CA VAL B 405 19.11 17.77 -13.32
C VAL B 405 19.02 19.22 -13.78
N ASP B 406 19.44 20.16 -12.94
CA ASP B 406 19.41 21.57 -13.31
C ASP B 406 20.28 21.83 -14.53
N ALA B 407 21.39 21.11 -14.63
CA ALA B 407 22.29 21.26 -15.77
C ALA B 407 21.60 20.75 -17.02
N ILE B 408 21.04 19.54 -16.94
CA ILE B 408 20.32 18.94 -18.07
C ILE B 408 19.23 19.88 -18.59
N LEU B 409 18.64 20.67 -17.69
CA LEU B 409 17.59 21.60 -18.07
C LEU B 409 18.16 22.86 -18.74
N ALA B 410 19.42 23.17 -18.44
CA ALA B 410 20.09 24.33 -19.01
C ALA B 410 20.59 24.01 -20.41
N ALA B 411 20.85 22.72 -20.66
CA ALA B 411 21.34 22.24 -21.95
C ALA B 411 20.22 22.15 -22.99
N SER B 412 19.07 22.73 -22.67
CA SER B 412 17.94 22.68 -23.58
C SER B 412 17.08 23.93 -23.45
N PRO B 413 16.47 24.36 -24.56
CA PRO B 413 15.62 25.56 -24.55
C PRO B 413 14.22 25.25 -24.01
N TYR B 414 14.02 24.01 -23.60
CA TYR B 414 12.72 23.59 -23.08
C TYR B 414 12.67 23.49 -21.56
N GLY B 415 13.79 23.76 -20.90
CA GLY B 415 13.84 23.69 -19.45
C GLY B 415 13.82 25.05 -18.77
N LYS B 416 13.39 26.07 -19.50
CA LYS B 416 13.33 27.43 -18.96
C LYS B 416 12.45 27.57 -17.74
N ASN B 417 11.21 27.10 -17.85
CA ASN B 417 10.24 27.23 -16.77
C ASN B 417 10.27 26.11 -15.72
N ALA B 418 11.24 25.19 -15.80
CA ALA B 418 11.28 24.09 -14.85
C ALA B 418 11.98 24.40 -13.53
N THR B 419 11.58 23.67 -12.50
CA THR B 419 12.14 23.82 -11.17
C THR B 419 12.20 22.45 -10.51
N VAL B 420 13.35 22.11 -9.96
CA VAL B 420 13.55 20.82 -9.32
C VAL B 420 13.44 20.96 -7.82
N TYR B 421 12.69 20.08 -7.19
CA TYR B 421 12.50 20.14 -5.75
C TYR B 421 12.93 18.81 -5.15
N ILE B 422 13.56 18.86 -3.99
CA ILE B 422 13.96 17.65 -3.32
C ILE B 422 13.52 17.74 -1.86
N GLY B 423 13.24 16.60 -1.25
CA GLY B 423 12.79 16.60 0.13
C GLY B 423 11.39 17.18 0.29
N LYS B 424 10.64 17.25 -0.82
CA LYS B 424 9.28 17.78 -0.80
C LYS B 424 8.32 16.63 -1.04
N ASP B 425 7.11 16.74 -0.50
CA ASP B 425 6.12 15.67 -0.65
C ASP B 425 5.00 16.03 -1.60
N LEU B 426 4.03 15.13 -1.70
CA LEU B 426 2.91 15.31 -2.60
C LEU B 426 1.91 16.39 -2.18
N TRP B 427 1.98 16.84 -0.93
CA TRP B 427 1.08 17.89 -0.49
C TRP B 427 1.67 19.20 -1.03
N HIS B 428 3.00 19.28 -1.09
CA HIS B 428 3.72 20.42 -1.67
C HIS B 428 3.35 20.42 -3.14
N LEU B 429 3.53 19.28 -3.77
CA LEU B 429 3.21 19.16 -5.20
C LEU B 429 1.76 19.60 -5.48
N ARG B 430 0.84 19.20 -4.61
CA ARG B 430 -0.56 19.60 -4.76
C ARG B 430 -0.68 21.11 -4.93
N SER B 431 0.01 21.89 -4.09
CA SER B 431 -0.07 23.35 -4.21
C SER B 431 0.43 23.82 -5.57
N LEU B 432 1.60 23.33 -5.96
CA LEU B 432 2.20 23.69 -7.24
C LEU B 432 1.26 23.48 -8.41
N VAL B 433 0.61 22.33 -8.50
CA VAL B 433 -0.29 22.11 -9.64
C VAL B 433 -1.50 23.06 -9.60
N PHE B 434 -1.70 23.74 -8.48
CA PHE B 434 -2.81 24.70 -8.40
C PHE B 434 -2.35 26.09 -8.80
N THR B 435 -1.22 26.51 -8.24
CA THR B 435 -0.68 27.85 -8.50
C THR B 435 0.02 28.00 -9.85
N ASP B 436 0.65 26.94 -10.34
CA ASP B 436 1.30 26.99 -11.66
C ASP B 436 0.90 25.70 -12.37
N LYS B 437 -0.31 25.72 -12.89
CA LYS B 437 -0.92 24.58 -13.55
C LYS B 437 -0.24 23.96 -14.77
N PRO B 438 0.05 22.66 -14.72
CA PRO B 438 0.69 21.95 -15.84
C PRO B 438 -0.46 21.33 -16.63
N ASP B 439 -0.17 20.68 -17.74
CA ASP B 439 -1.25 20.06 -18.50
C ASP B 439 -1.52 18.66 -17.97
N PHE B 440 -0.45 17.99 -17.56
CA PHE B 440 -0.55 16.64 -17.04
C PHE B 440 0.45 16.39 -15.90
N MET B 441 0.27 15.27 -15.23
CA MET B 441 1.15 14.82 -14.14
C MET B 441 1.64 13.42 -14.53
N ILE B 442 2.88 13.13 -14.20
CA ILE B 442 3.43 11.80 -14.44
C ILE B 442 3.93 11.34 -13.07
N GLY B 443 3.42 10.22 -12.60
CA GLY B 443 3.81 9.72 -11.30
C GLY B 443 3.06 8.44 -10.99
N ASN B 444 3.07 8.03 -9.74
CA ASN B 444 2.39 6.80 -9.35
C ASN B 444 0.92 7.00 -8.95
N SER B 445 0.31 5.92 -8.50
CA SER B 445 -1.09 5.94 -8.11
C SER B 445 -1.50 7.02 -7.08
N TYR B 446 -0.56 7.41 -6.21
CA TYR B 446 -0.83 8.40 -5.19
C TYR B 446 -1.18 9.77 -5.75
N GLY B 447 -0.99 9.94 -7.06
CA GLY B 447 -1.31 11.22 -7.66
C GLY B 447 -2.77 11.33 -8.04
N LYS B 448 -3.48 10.20 -7.96
CA LYS B 448 -4.88 10.19 -8.32
C LYS B 448 -5.64 11.10 -7.37
N PHE B 449 -5.12 11.27 -6.16
CA PHE B 449 -5.76 12.12 -5.16
C PHE B 449 -5.57 13.59 -5.45
N ILE B 450 -4.47 13.93 -6.13
CA ILE B 450 -4.24 15.31 -6.50
C ILE B 450 -5.16 15.65 -7.67
N GLN B 451 -5.45 14.68 -8.52
CA GLN B 451 -6.33 14.94 -9.65
C GLN B 451 -7.75 15.19 -9.16
N ARG B 452 -8.20 14.40 -8.20
CA ARG B 452 -9.53 14.56 -7.65
C ARG B 452 -9.62 15.93 -7.00
N ASP B 453 -8.53 16.39 -6.38
CA ASP B 453 -8.50 17.70 -5.71
C ASP B 453 -8.61 18.85 -6.70
N THR B 454 -7.82 18.78 -7.77
CA THR B 454 -7.84 19.83 -8.79
C THR B 454 -9.17 19.88 -9.51
N LEU B 455 -9.78 18.72 -9.74
CA LEU B 455 -11.07 18.68 -10.42
C LEU B 455 -12.18 19.29 -9.56
N HIS B 456 -12.04 19.18 -8.25
CA HIS B 456 -13.05 19.71 -7.37
C HIS B 456 -13.08 21.22 -7.55
N LYS B 457 -11.93 21.78 -7.89
CA LYS B 457 -11.83 23.22 -8.10
C LYS B 457 -12.54 23.65 -9.38
N GLY B 458 -12.62 22.73 -10.35
CA GLY B 458 -13.26 23.02 -11.61
C GLY B 458 -12.66 22.16 -12.70
N LYS B 459 -13.45 21.87 -13.74
CA LYS B 459 -13.00 21.04 -14.85
C LYS B 459 -11.80 21.62 -15.57
N GLU B 460 -11.73 22.94 -15.64
CA GLU B 460 -10.65 23.64 -16.31
C GLU B 460 -9.36 23.69 -15.50
N PHE B 461 -9.42 23.26 -14.25
CA PHE B 461 -8.24 23.26 -13.40
C PHE B 461 -7.74 21.85 -13.17
N GLU B 462 -8.55 20.87 -13.58
CA GLU B 462 -8.18 19.49 -13.39
C GLU B 462 -6.85 19.12 -14.07
N VAL B 463 -5.98 18.43 -13.35
CA VAL B 463 -4.70 18.02 -13.91
C VAL B 463 -4.68 16.49 -14.00
N PRO B 464 -4.95 15.94 -15.19
CA PRO B 464 -4.96 14.49 -15.41
C PRO B 464 -3.64 13.83 -15.03
N LEU B 465 -3.73 12.59 -14.56
CA LEU B 465 -2.55 11.85 -14.17
C LEU B 465 -2.25 10.71 -15.15
N ILE B 466 -0.97 10.58 -15.50
CA ILE B 466 -0.48 9.55 -16.40
C ILE B 466 0.36 8.69 -15.48
N ARG B 467 -0.11 7.47 -15.24
CA ARG B 467 0.55 6.53 -14.34
C ARG B 467 1.85 5.94 -14.88
N ILE B 468 2.97 6.38 -14.34
CA ILE B 468 4.28 5.86 -14.73
C ILE B 468 5.13 5.94 -13.47
N GLY B 469 5.71 4.82 -13.06
CA GLY B 469 6.52 4.82 -11.86
C GLY B 469 6.13 3.69 -10.93
N PHE B 470 6.38 3.89 -9.64
CA PHE B 470 6.07 2.88 -8.63
C PHE B 470 5.57 3.51 -7.33
N PRO B 471 4.50 2.95 -6.75
CA PRO B 471 3.77 1.79 -7.23
C PRO B 471 2.52 2.19 -8.00
N ILE B 472 1.95 1.23 -8.71
CA ILE B 472 0.74 1.46 -9.48
C ILE B 472 -0.24 0.41 -9.01
N PHE B 473 -1.21 0.85 -8.21
CA PHE B 473 -2.20 -0.03 -7.64
C PHE B 473 -3.55 -0.03 -8.33
N ASP B 474 -3.93 1.10 -8.92
CA ASP B 474 -5.25 1.18 -9.51
C ASP B 474 -5.38 0.84 -10.99
N ARG B 475 -4.40 0.14 -11.52
CA ARG B 475 -4.45 -0.31 -12.90
C ARG B 475 -3.76 -1.65 -12.88
N HIS B 476 -4.18 -2.54 -13.77
CA HIS B 476 -3.61 -3.88 -13.83
C HIS B 476 -2.60 -4.05 -14.96
N HIS B 477 -1.59 -4.86 -14.69
CA HIS B 477 -0.58 -5.23 -15.67
C HIS B 477 0.34 -4.18 -16.24
N LEU B 478 0.34 -3.00 -15.66
CA LEU B 478 1.22 -1.95 -16.16
C LEU B 478 2.65 -2.21 -15.73
N HIS B 479 2.82 -3.15 -14.82
CA HIS B 479 4.15 -3.49 -14.34
C HIS B 479 4.90 -4.33 -15.37
N ARG B 480 4.24 -4.70 -16.47
CA ARG B 480 4.89 -5.50 -17.50
C ARG B 480 5.45 -4.57 -18.57
N SER B 481 5.18 -3.28 -18.39
CA SER B 481 5.66 -2.26 -19.32
C SER B 481 7.17 -2.18 -19.31
N THR B 482 7.70 -1.34 -20.20
CA THR B 482 9.14 -1.16 -20.30
C THR B 482 9.40 0.33 -20.37
N THR B 483 10.30 0.86 -19.55
CA THR B 483 10.63 2.28 -19.63
C THR B 483 12.03 2.51 -20.18
N LEU B 484 12.85 1.47 -20.20
CA LEU B 484 14.23 1.60 -20.69
C LEU B 484 14.41 1.40 -22.20
N GLY B 485 15.52 1.92 -22.71
CA GLY B 485 15.85 1.77 -24.12
C GLY B 485 14.86 2.33 -25.11
N TYR B 486 15.02 1.91 -26.36
CA TYR B 486 14.15 2.36 -27.45
C TYR B 486 12.76 1.80 -27.29
N GLU B 487 12.67 0.56 -26.81
CA GLU B 487 11.40 -0.10 -26.60
C GLU B 487 10.55 0.66 -25.56
N GLY B 488 11.17 1.02 -24.44
CA GLY B 488 10.49 1.74 -23.41
C GLY B 488 10.21 3.19 -23.76
N ALA B 489 11.05 3.78 -24.60
CA ALA B 489 10.85 5.16 -25.02
C ALA B 489 9.62 5.20 -25.92
N MET B 490 9.45 4.16 -26.73
CA MET B 490 8.29 4.06 -27.62
C MET B 490 7.01 3.90 -26.80
N GLN B 491 7.07 3.06 -25.77
CA GLN B 491 5.91 2.84 -24.94
C GLN B 491 5.51 4.06 -24.14
N ILE B 492 6.49 4.85 -23.71
CA ILE B 492 6.22 6.06 -22.94
C ILE B 492 5.62 7.15 -23.85
N LEU B 493 6.18 7.25 -25.06
CA LEU B 493 5.75 8.24 -26.03
C LEU B 493 4.29 7.99 -26.42
N THR B 494 3.95 6.71 -26.57
CA THR B 494 2.60 6.31 -26.94
C THR B 494 1.60 6.65 -25.85
N THR B 495 1.97 6.39 -24.60
CA THR B 495 1.11 6.69 -23.47
C THR B 495 0.86 8.19 -23.38
N LEU B 496 1.91 8.99 -23.60
CA LEU B 496 1.80 10.44 -23.54
C LEU B 496 0.93 11.03 -24.65
N VAL B 497 1.20 10.67 -25.89
CA VAL B 497 0.42 11.21 -27.00
C VAL B 497 -1.07 10.85 -26.91
N ASN B 498 -1.37 9.59 -26.62
CA ASN B 498 -2.74 9.14 -26.54
C ASN B 498 -3.50 9.66 -25.33
N SER B 499 -2.77 10.16 -24.35
CA SER B 499 -3.36 10.74 -23.17
C SER B 499 -3.78 12.17 -23.59
N ILE B 500 -2.89 12.86 -24.30
CA ILE B 500 -3.17 14.21 -24.78
C ILE B 500 -4.43 14.10 -25.63
N LEU B 501 -4.42 13.12 -26.52
CA LEU B 501 -5.52 12.86 -27.44
C LEU B 501 -6.85 12.47 -26.75
N GLU B 502 -6.80 11.59 -25.77
CA GLU B 502 -8.02 11.20 -25.09
C GLU B 502 -8.61 12.38 -24.34
N ARG B 503 -7.75 13.17 -23.72
CA ARG B 503 -8.19 14.32 -22.97
C ARG B 503 -8.81 15.35 -23.93
N LEU B 504 -8.24 15.50 -25.11
CA LEU B 504 -8.76 16.45 -26.09
C LEU B 504 -10.14 15.98 -26.52
N ASP B 505 -10.24 14.67 -26.79
CA ASP B 505 -11.50 14.07 -27.20
C ASP B 505 -12.57 14.36 -26.16
N GLU B 506 -12.22 14.13 -24.91
CA GLU B 506 -13.13 14.34 -23.80
C GLU B 506 -13.66 15.78 -23.73
N GLU B 507 -12.80 16.76 -23.93
CA GLU B 507 -13.19 18.17 -23.88
C GLU B 507 -13.98 18.64 -25.10
N THR B 508 -13.94 17.86 -26.18
CA THR B 508 -14.63 18.24 -27.40
C THR B 508 -15.75 17.27 -27.76
N ARG B 509 -16.31 16.61 -26.77
CA ARG B 509 -17.38 15.65 -27.01
C ARG B 509 -18.80 16.27 -26.87
N GLY B 510 -18.90 17.46 -26.30
CA GLY B 510 -20.19 18.12 -26.13
C GLY B 510 -20.88 18.54 -27.42
N MET B 511 -22.05 17.95 -27.66
CA MET B 511 -22.84 18.22 -28.86
C MET B 511 -23.22 19.69 -29.05
N GLN B 512 -23.00 20.20 -30.27
CA GLN B 512 -23.32 21.58 -30.62
C GLN B 512 -22.81 22.57 -29.57
N ALA B 513 -21.67 22.23 -28.98
CA ALA B 513 -21.04 23.06 -27.95
C ALA B 513 -19.55 23.14 -28.23
N THR B 514 -18.85 22.02 -28.07
CA THR B 514 -17.42 21.99 -28.31
C THR B 514 -17.04 20.93 -29.34
N ASP B 515 -18.01 20.16 -29.81
CA ASP B 515 -17.74 19.09 -30.75
C ASP B 515 -17.32 19.52 -32.15
N TYR B 516 -17.34 20.81 -32.42
CA TYR B 516 -16.93 21.26 -33.73
C TYR B 516 -15.47 20.86 -33.92
N ASN B 517 -14.76 20.59 -32.83
CA ASN B 517 -13.35 20.19 -32.91
C ASN B 517 -13.14 18.71 -32.54
N HIS B 518 -14.21 17.91 -32.64
CA HIS B 518 -14.12 16.50 -32.32
C HIS B 518 -13.70 15.74 -33.58
N ASP B 519 -12.50 16.04 -34.09
CA ASP B 519 -12.04 15.43 -35.33
C ASP B 519 -11.86 13.91 -35.35
N LEU B 520 -12.20 13.31 -36.48
CA LEU B 520 -12.03 11.87 -36.66
C LEU B 520 -10.54 11.61 -36.75
N VAL B 521 -9.86 12.45 -37.52
CA VAL B 521 -8.43 12.33 -37.74
C VAL B 521 -7.63 13.25 -36.83
N ARG B 522 -6.63 12.69 -36.16
CA ARG B 522 -5.76 13.47 -35.28
C ARG B 522 -4.33 12.94 -35.44
CA CA C . -0.34 -12.55 -11.08
FE1 CLF D . 7.23 -2.28 10.92
FE2 CLF D . 7.22 -1.18 13.41
FE3 CLF D . 4.58 -1.93 12.57
FE4 CLF D . 5.97 -0.03 11.51
S1 CLF D . 8.27 -0.36 11.50
S2A CLF D . 6.58 -3.18 12.77
S4A CLF D . 5.21 -0.08 13.67
S3A CLF D . 5.11 -1.80 10.34
FE5 CLF D . 7.78 0.84 9.52
FE6 CLF D . 10.59 0.53 10.37
FE7 CLF D . 9.97 0.36 7.64
FE8 CLF D . 9.18 -1.41 9.57
S2B CLF D . 9.59 2.18 9.01
S3B CLF D . 11.33 -1.01 8.88
S4B CLF D . 7.92 -0.64 7.82
#